data_5AXG
#
_entry.id   5AXG
#
_cell.length_a   81.342
_cell.length_b   98.992
_cell.length_c   171.130
_cell.angle_alpha   90.00
_cell.angle_beta   90.00
_cell.angle_gamma   90.00
#
_symmetry.space_group_name_H-M   'P 21 21 21'
#
loop_
_entity.id
_entity.type
_entity.pdbx_description
1 polymer Dextranase
2 non-polymer 'PHOSPHATE ION'
3 non-polymer 1,2-ETHANEDIOL
4 non-polymer 'POTASSIUM ION'
5 non-polymer '3-CYCLOHEXYL-1-PROPYLSULFONIC ACID'
6 water water
#
_entity_poly.entity_id   1
_entity_poly.type   'polypeptide(L)'
_entity_poly.pdbx_seq_one_letter_code
;MGKKIIALILIISTAIFGALYMYRNIFSFKDDNNIVALTKGKLISDVYTDKARYYPSDKVTVKIELNNELQEDFRGTIYI
FYKHLESIVGKAKIQVNIKSGQKKQLNIFWEAPKDDFKGYLVEVYAVKGNKAIDNKNTAVDVSSDWSKFPRYGYIANFPE
QSKEKSALIIEDLNKYHLNGLLFYDWQYKHNKPLAGTVENPDPKWKDIANRDIYGQTVKDYIELAHSKNIMVANYNLMYG
GYFDYVKDGAKPEWGLYKDPNHEEQDNHPLPHTWATDRLYLFNPANKDWQNYIFNAEKDAFRVYNFDVWHVDTLGPRGMV
YDYNGNPVELSFTYADFLNNAKNALGKRIVCNTVNEYGLINVASGADVDFLYVEIWPPARAHYNFLKQTVDNGYNYSDGK
KATVVAAYMNYGIADRSAEFNKHSVRLTDAAIFAAGGDHIELGDTGMLSKEYFPSANLKMSESLVKAMRNYYDFLTAYEN
LLRDGLKESDNKIEIPGIEISNNGSARTVWTYAKQKDGYDVIHMINLLGIEVSNWRDDLGNYSAPPIIKDFKVKYYLEND
NIKNVYLASPDINDGKVMKLQFKKKEDSKGKYLEISVPELQYWDMIFIKKLEHHHHHH
;
_entity_poly.pdbx_strand_id   A,B
#
# COMPACT_ATOMS: atom_id res chain seq x y z
N PHE A 29 20.90 31.73 -34.03
CA PHE A 29 20.67 32.95 -33.21
C PHE A 29 21.17 32.80 -31.77
N LYS A 30 21.23 33.92 -31.06
CA LYS A 30 21.74 34.00 -29.69
C LYS A 30 20.59 33.79 -28.70
N ASP A 31 20.38 32.54 -28.33
CA ASP A 31 19.40 32.17 -27.31
C ASP A 31 20.03 32.35 -25.94
N ASP A 32 19.50 33.29 -25.16
CA ASP A 32 20.10 33.65 -23.87
C ASP A 32 19.01 34.13 -22.90
N ASN A 33 18.98 33.53 -21.71
CA ASN A 33 17.99 33.86 -20.68
C ASN A 33 18.31 35.17 -19.94
N ASN A 34 19.51 35.72 -20.15
CA ASN A 34 19.87 37.10 -19.76
C ASN A 34 18.86 38.12 -20.29
N ILE A 35 18.71 38.12 -21.62
CA ILE A 35 18.01 39.18 -22.35
C ILE A 35 16.57 38.77 -22.77
N VAL A 36 16.28 37.47 -22.86
CA VAL A 36 14.90 37.00 -23.00
C VAL A 36 14.10 37.41 -21.77
N ALA A 37 14.68 37.23 -20.57
CA ALA A 37 14.06 37.62 -19.30
C ALA A 37 13.61 39.09 -19.23
N LEU A 38 14.37 39.99 -19.85
CA LEU A 38 14.02 41.42 -19.90
C LEU A 38 12.69 41.68 -20.63
N THR A 39 12.51 41.01 -21.78
CA THR A 39 11.31 41.17 -22.61
C THR A 39 10.50 39.86 -22.80
N LYS A 40 10.55 38.96 -21.80
CA LYS A 40 9.75 37.72 -21.87
C LYS A 40 8.28 38.04 -21.64
N GLY A 41 7.42 37.40 -22.43
CA GLY A 41 6.00 37.69 -22.44
C GLY A 41 5.58 38.95 -23.19
N LYS A 42 6.52 39.77 -23.64
CA LYS A 42 6.21 41.07 -24.26
C LYS A 42 5.93 41.00 -25.77
N LEU A 43 6.08 39.82 -26.38
CA LEU A 43 5.72 39.65 -27.79
C LEU A 43 4.85 38.41 -28.03
N ILE A 44 5.29 37.25 -27.55
CA ILE A 44 4.53 36.01 -27.68
C ILE A 44 3.58 35.90 -26.49
N SER A 45 2.28 36.05 -26.77
CA SER A 45 1.26 36.02 -25.75
C SER A 45 0.89 34.58 -25.34
N ASP A 46 0.72 33.70 -26.33
CA ASP A 46 0.41 32.30 -26.07
C ASP A 46 0.82 31.44 -27.26
N VAL A 47 1.12 30.18 -26.96
CA VAL A 47 1.38 29.15 -27.95
C VAL A 47 0.60 27.90 -27.54
N TYR A 48 -0.17 27.35 -28.47
CA TYR A 48 -0.95 26.13 -28.21
C TYR A 48 -1.26 25.43 -29.53
N THR A 49 -2.10 24.39 -29.50
CA THR A 49 -2.37 23.61 -30.70
C THR A 49 -3.87 23.43 -30.90
N ASP A 50 -4.23 22.95 -32.09
CA ASP A 50 -5.65 22.81 -32.44
C ASP A 50 -6.37 21.63 -31.77
N LYS A 51 -5.61 20.59 -31.40
CA LYS A 51 -6.18 19.36 -30.83
C LYS A 51 -5.35 18.88 -29.62
N ALA A 52 -5.94 18.00 -28.83
CA ALA A 52 -5.31 17.50 -27.58
C ALA A 52 -4.39 16.29 -27.79
N ARG A 53 -4.59 15.61 -28.91
CA ARG A 53 -3.96 14.35 -29.22
C ARG A 53 -4.02 14.22 -30.74
N TYR A 54 -2.99 13.67 -31.35
CA TYR A 54 -2.92 13.50 -32.81
C TYR A 54 -2.62 12.07 -33.20
N TYR A 55 -3.18 11.64 -34.33
CA TYR A 55 -2.83 10.35 -34.91
C TYR A 55 -1.54 10.49 -35.67
N PRO A 56 -0.73 9.41 -35.76
CA PRO A 56 0.45 9.46 -36.61
C PRO A 56 0.17 10.02 -38.01
N SER A 57 1.02 10.92 -38.48
CA SER A 57 0.87 11.59 -39.79
C SER A 57 -0.23 12.64 -39.91
N ASP A 58 -0.88 13.00 -38.81
CA ASP A 58 -1.87 14.10 -38.82
C ASP A 58 -1.21 15.42 -39.07
N LYS A 59 -2.01 16.35 -39.58
CA LYS A 59 -1.63 17.75 -39.63
C LYS A 59 -1.79 18.33 -38.24
N VAL A 60 -0.68 18.83 -37.67
CA VAL A 60 -0.70 19.55 -36.41
C VAL A 60 -0.66 21.03 -36.72
N THR A 61 -1.60 21.80 -36.17
CA THR A 61 -1.56 23.25 -36.28
C THR A 61 -1.10 23.83 -34.95
N VAL A 62 0.06 24.49 -34.97
CA VAL A 62 0.54 25.25 -33.81
C VAL A 62 0.07 26.68 -33.97
N LYS A 63 -0.64 27.18 -32.96
CA LYS A 63 -1.22 28.52 -32.98
C LYS A 63 -0.40 29.44 -32.10
N ILE A 64 0.07 30.56 -32.67
CA ILE A 64 0.91 31.49 -31.95
C ILE A 64 0.20 32.82 -31.89
N GLU A 65 -0.12 33.28 -30.70
CA GLU A 65 -0.76 34.58 -30.53
C GLU A 65 0.31 35.59 -30.17
N LEU A 66 0.53 36.54 -31.07
CA LEU A 66 1.50 37.60 -30.86
C LEU A 66 0.78 38.88 -30.41
N ASN A 67 1.36 39.54 -29.41
CA ASN A 67 0.87 40.82 -28.93
C ASN A 67 2.11 41.66 -28.58
N ASN A 68 2.41 42.62 -29.44
CA ASN A 68 3.60 43.45 -29.28
C ASN A 68 3.39 44.51 -28.19
N GLU A 69 3.88 44.19 -27.00
CA GLU A 69 3.91 45.11 -25.86
C GLU A 69 5.31 45.67 -25.64
N LEU A 70 6.17 45.62 -26.67
CA LEU A 70 7.56 46.08 -26.55
C LEU A 70 7.71 47.60 -26.62
N GLN A 71 6.62 48.33 -26.88
CA GLN A 71 6.63 49.80 -27.02
C GLN A 71 7.59 50.23 -28.15
N GLU A 72 7.50 49.49 -29.25
CA GLU A 72 8.47 49.53 -30.33
C GLU A 72 8.03 48.51 -31.38
N ASP A 73 8.11 48.88 -32.65
CA ASP A 73 7.78 47.97 -33.75
C ASP A 73 8.75 46.80 -33.78
N PHE A 74 8.24 45.62 -34.13
CA PHE A 74 9.08 44.43 -34.28
C PHE A 74 9.18 44.08 -35.75
N ARG A 75 10.41 43.92 -36.22
CA ARG A 75 10.70 43.44 -37.56
C ARG A 75 11.75 42.37 -37.42
N GLY A 76 11.30 41.11 -37.45
CA GLY A 76 12.19 40.00 -37.20
C GLY A 76 11.65 38.66 -37.66
N THR A 77 12.01 37.61 -36.93
CA THR A 77 11.77 36.24 -37.35
C THR A 77 11.21 35.43 -36.18
N ILE A 78 10.19 34.61 -36.46
CA ILE A 78 9.70 33.62 -35.50
C ILE A 78 10.29 32.28 -35.87
N TYR A 79 11.03 31.68 -34.93
CA TYR A 79 11.60 30.36 -35.11
C TYR A 79 10.75 29.36 -34.35
N ILE A 80 10.52 28.20 -34.94
CA ILE A 80 9.81 27.10 -34.26
C ILE A 80 10.70 25.86 -34.35
N PHE A 81 10.91 25.19 -33.22
CA PHE A 81 11.65 23.94 -33.15
C PHE A 81 10.74 22.86 -32.58
N TYR A 82 10.73 21.71 -33.25
CA TYR A 82 9.99 20.53 -32.78
C TYR A 82 11.02 19.59 -32.19
N LYS A 83 10.86 19.27 -30.91
CA LYS A 83 11.82 18.44 -30.19
C LYS A 83 11.17 17.14 -29.75
N HIS A 84 11.90 16.04 -29.92
CA HIS A 84 11.59 14.79 -29.24
C HIS A 84 12.69 14.52 -28.23
N LEU A 85 12.40 14.80 -26.96
CA LEU A 85 13.39 14.74 -25.90
C LEU A 85 14.58 15.66 -26.29
N GLU A 86 15.81 15.16 -26.30
CA GLU A 86 16.96 16.01 -26.63
C GLU A 86 17.09 16.38 -28.12
N SER A 87 16.38 15.68 -29.02
CA SER A 87 16.63 15.77 -30.47
C SER A 87 15.72 16.76 -31.17
N ILE A 88 16.29 17.53 -32.09
CA ILE A 88 15.48 18.38 -32.98
C ILE A 88 14.97 17.47 -34.08
N VAL A 89 13.65 17.38 -34.20
CA VAL A 89 13.02 16.58 -35.26
C VAL A 89 12.43 17.44 -36.39
N GLY A 90 12.32 18.75 -36.17
CA GLY A 90 11.82 19.66 -37.19
C GLY A 90 12.10 21.10 -36.82
N LYS A 91 12.03 21.97 -37.81
CA LYS A 91 12.37 23.37 -37.64
C LYS A 91 11.68 24.22 -38.69
N ALA A 92 11.17 25.39 -38.30
CA ALA A 92 10.63 26.37 -39.24
C ALA A 92 11.04 27.78 -38.85
N LYS A 93 11.13 28.66 -39.85
CA LYS A 93 11.37 30.09 -39.61
C LYS A 93 10.38 30.89 -40.43
N ILE A 94 9.77 31.90 -39.82
CA ILE A 94 8.78 32.74 -40.47
C ILE A 94 9.12 34.20 -40.19
N GLN A 95 9.26 35.00 -41.24
CA GLN A 95 9.48 36.45 -41.10
C GLN A 95 8.17 37.08 -40.68
N VAL A 96 8.20 37.91 -39.65
CA VAL A 96 7.02 38.57 -39.13
C VAL A 96 7.33 40.01 -38.76
N ASN A 97 6.48 40.93 -39.23
CA ASN A 97 6.47 42.30 -38.77
C ASN A 97 5.20 42.50 -37.98
N ILE A 98 5.33 43.19 -36.84
CA ILE A 98 4.18 43.48 -36.01
C ILE A 98 4.40 44.80 -35.29
N LYS A 99 3.44 45.72 -35.46
CA LYS A 99 3.57 47.07 -34.95
C LYS A 99 3.43 47.09 -33.45
N SER A 100 3.95 48.14 -32.83
CA SER A 100 3.80 48.36 -31.40
C SER A 100 2.31 48.39 -31.06
N GLY A 101 1.90 47.56 -30.09
CA GLY A 101 0.50 47.46 -29.68
C GLY A 101 -0.41 46.61 -30.56
N GLN A 102 0.11 46.07 -31.65
CA GLN A 102 -0.69 45.26 -32.57
C GLN A 102 -0.70 43.80 -32.09
N LYS A 103 -1.81 43.11 -32.38
CA LYS A 103 -1.96 41.68 -32.13
C LYS A 103 -2.11 40.94 -33.46
N LYS A 104 -1.39 39.83 -33.63
CA LYS A 104 -1.52 38.95 -34.79
C LYS A 104 -1.57 37.51 -34.33
N GLN A 105 -2.27 36.65 -35.07
CA GLN A 105 -2.12 35.20 -34.89
C GLN A 105 -1.27 34.66 -36.04
N LEU A 106 -0.40 33.70 -35.72
CA LEU A 106 0.40 32.99 -36.71
C LEU A 106 0.20 31.51 -36.51
N ASN A 107 -0.26 30.81 -37.55
CA ASN A 107 -0.42 29.37 -37.51
C ASN A 107 0.70 28.71 -38.26
N ILE A 108 1.30 27.69 -37.63
CA ILE A 108 2.37 26.89 -38.22
C ILE A 108 1.83 25.49 -38.35
N PHE A 109 2.18 24.83 -39.46
CA PHE A 109 1.64 23.53 -39.81
C PHE A 109 2.77 22.50 -39.85
N TRP A 110 2.55 21.37 -39.18
CA TRP A 110 3.56 20.32 -39.04
C TRP A 110 2.89 18.97 -39.23
N GLU A 111 3.50 18.11 -40.04
CA GLU A 111 3.07 16.72 -40.11
C GLU A 111 3.58 15.95 -38.89
N ALA A 112 2.68 15.34 -38.15
CA ALA A 112 3.05 14.46 -37.03
C ALA A 112 3.90 13.30 -37.57
N PRO A 113 5.06 13.01 -36.94
CA PRO A 113 5.81 11.85 -37.41
C PRO A 113 5.04 10.54 -37.29
N LYS A 114 5.50 9.52 -38.01
CA LYS A 114 4.75 8.27 -38.10
C LYS A 114 4.72 7.41 -36.83
N ASP A 115 5.69 7.58 -35.92
CA ASP A 115 5.77 6.68 -34.76
C ASP A 115 4.64 6.99 -33.78
N ASP A 116 3.91 5.96 -33.39
CA ASP A 116 2.77 6.13 -32.50
C ASP A 116 3.26 6.28 -31.06
N PHE A 117 2.47 6.96 -30.24
CA PHE A 117 2.72 7.13 -28.80
C PHE A 117 4.04 7.84 -28.49
N LYS A 118 4.18 9.03 -29.08
CA LYS A 118 5.35 9.88 -28.91
C LYS A 118 4.93 11.28 -28.49
N GLY A 119 5.67 11.84 -27.53
CA GLY A 119 5.48 13.21 -27.08
C GLY A 119 6.59 14.11 -27.60
N TYR A 120 6.25 15.37 -27.86
CA TYR A 120 7.16 16.38 -28.41
C TYR A 120 7.00 17.71 -27.70
N LEU A 121 8.09 18.43 -27.55
CA LEU A 121 8.05 19.81 -27.10
C LEU A 121 8.19 20.71 -28.32
N VAL A 122 7.39 21.78 -28.35
CA VAL A 122 7.45 22.79 -29.41
C VAL A 122 7.97 24.07 -28.80
N GLU A 123 9.13 24.54 -29.26
CA GLU A 123 9.72 25.79 -28.75
C GLU A 123 9.58 26.86 -29.81
N VAL A 124 9.02 28.01 -29.42
CA VAL A 124 8.86 29.17 -30.28
C VAL A 124 9.73 30.30 -29.77
N TYR A 125 10.48 30.93 -30.67
CA TYR A 125 11.33 32.08 -30.33
C TYR A 125 11.02 33.25 -31.26
N ALA A 126 10.98 34.46 -30.71
CA ALA A 126 10.94 35.69 -31.49
C ALA A 126 12.36 36.26 -31.49
N VAL A 127 12.93 36.42 -32.68
CA VAL A 127 14.33 36.77 -32.89
C VAL A 127 14.43 38.10 -33.66
N LYS A 128 15.14 39.07 -33.08
CA LYS A 128 15.43 40.36 -33.73
C LYS A 128 16.94 40.50 -33.87
N GLY A 129 17.37 40.87 -35.08
CA GLY A 129 18.78 40.78 -35.44
C GLY A 129 19.14 39.32 -35.36
N ASN A 130 19.95 38.98 -34.37
CA ASN A 130 20.26 37.59 -34.07
C ASN A 130 20.22 37.29 -32.56
N LYS A 131 19.38 38.03 -31.84
CA LYS A 131 19.11 37.79 -30.42
C LYS A 131 17.65 37.38 -30.22
N ALA A 132 17.43 36.31 -29.46
CA ALA A 132 16.09 35.90 -29.06
C ALA A 132 15.57 36.86 -28.01
N ILE A 133 14.45 37.54 -28.29
CA ILE A 133 13.86 38.47 -27.33
C ILE A 133 12.58 37.97 -26.64
N ASP A 134 12.04 36.84 -27.10
CA ASP A 134 10.92 36.19 -26.40
C ASP A 134 10.88 34.70 -26.73
N ASN A 135 10.22 33.96 -25.85
CA ASN A 135 10.11 32.52 -26.02
C ASN A 135 8.91 31.98 -25.28
N LYS A 136 8.21 31.04 -25.91
CA LYS A 136 7.12 30.31 -25.28
C LYS A 136 7.03 28.94 -25.93
N ASN A 137 6.70 27.94 -25.13
CA ASN A 137 6.65 26.57 -25.60
C ASN A 137 5.26 25.98 -25.48
N THR A 138 5.01 24.93 -26.25
CA THR A 138 3.86 24.07 -26.01
C THR A 138 4.31 22.63 -26.21
N ALA A 139 3.35 21.70 -26.30
CA ALA A 139 3.67 20.29 -26.47
C ALA A 139 2.71 19.65 -27.45
N VAL A 140 3.12 18.52 -28.00
CA VAL A 140 2.29 17.73 -28.93
C VAL A 140 2.39 16.27 -28.53
N ASP A 141 1.24 15.61 -28.43
CA ASP A 141 1.16 14.19 -28.20
C ASP A 141 0.62 13.51 -29.46
N VAL A 142 1.45 12.65 -30.06
CA VAL A 142 1.03 11.76 -31.13
C VAL A 142 0.69 10.40 -30.54
N SER A 143 -0.61 10.17 -30.29
CA SER A 143 -1.11 8.91 -29.73
C SER A 143 -2.40 8.55 -30.46
N SER A 144 -2.49 7.33 -30.98
CA SER A 144 -3.71 6.84 -31.62
C SER A 144 -4.85 6.52 -30.62
N ASP A 145 -4.53 6.45 -29.33
CA ASP A 145 -5.47 6.09 -28.29
C ASP A 145 -5.08 6.80 -27.00
N TRP A 146 -6.05 7.37 -26.27
CA TRP A 146 -5.76 8.06 -25.01
C TRP A 146 -5.30 7.16 -23.86
N SER A 147 -5.49 5.84 -24.00
CA SER A 147 -5.31 4.94 -22.86
C SER A 147 -3.87 4.81 -22.35
N LYS A 148 -2.87 5.01 -23.22
CA LYS A 148 -1.47 4.88 -22.80
C LYS A 148 -1.02 6.08 -21.96
N PHE A 149 -1.39 7.28 -22.38
CA PHE A 149 -1.00 8.50 -21.71
C PHE A 149 -2.23 9.34 -21.34
N PRO A 150 -3.07 8.85 -20.42
CA PRO A 150 -4.25 9.64 -20.09
C PRO A 150 -3.90 10.96 -19.46
N ARG A 151 -4.63 12.00 -19.86
CA ARG A 151 -4.55 13.32 -19.28
C ARG A 151 -5.99 13.76 -19.07
N TYR A 152 -6.53 13.34 -17.93
CA TYR A 152 -7.96 13.38 -17.63
C TYR A 152 -8.32 14.70 -16.95
N GLY A 153 -9.40 15.34 -17.41
CA GLY A 153 -9.98 16.53 -16.78
C GLY A 153 -11.48 16.31 -16.62
N TYR A 154 -12.23 17.36 -16.29
CA TYR A 154 -13.65 17.23 -16.03
C TYR A 154 -14.46 18.43 -16.55
N ILE A 155 -15.74 18.17 -16.78
CA ILE A 155 -16.75 19.24 -16.88
C ILE A 155 -17.84 18.93 -15.85
N ALA A 156 -18.09 19.88 -14.95
CA ALA A 156 -19.04 19.71 -13.85
C ALA A 156 -20.35 20.50 -14.00
N ASN A 157 -20.41 21.49 -14.90
CA ASN A 157 -21.58 22.37 -15.02
C ASN A 157 -22.19 22.32 -16.40
N PHE A 158 -23.51 22.23 -16.46
CA PHE A 158 -24.23 22.08 -17.73
C PHE A 158 -25.42 23.04 -17.84
N PRO A 159 -25.17 24.34 -17.60
CA PRO A 159 -26.26 25.32 -17.72
C PRO A 159 -26.62 25.57 -19.17
N GLU A 160 -27.73 26.27 -19.38
CA GLU A 160 -28.10 26.72 -20.72
C GLU A 160 -27.05 27.72 -21.18
N GLN A 161 -26.42 27.45 -22.31
CA GLN A 161 -25.40 28.35 -22.84
C GLN A 161 -25.14 28.11 -24.32
N SER A 162 -24.68 29.14 -25.01
CA SER A 162 -24.44 29.06 -26.44
C SER A 162 -23.31 28.08 -26.74
N LYS A 163 -23.34 27.53 -27.95
CA LYS A 163 -22.27 26.67 -28.43
C LYS A 163 -20.93 27.40 -28.44
N GLU A 164 -20.97 28.73 -28.66
CA GLU A 164 -19.77 29.55 -28.70
C GLU A 164 -19.13 29.67 -27.32
N LYS A 165 -19.94 29.90 -26.30
CA LYS A 165 -19.46 29.89 -24.91
C LYS A 165 -18.85 28.52 -24.58
N SER A 166 -19.55 27.44 -24.94
CA SER A 166 -19.04 26.08 -24.71
C SER A 166 -17.70 25.85 -25.42
N ALA A 167 -17.60 26.33 -26.67
CA ALA A 167 -16.37 26.24 -27.45
C ALA A 167 -15.20 26.95 -26.79
N LEU A 168 -15.45 28.09 -26.16
CA LEU A 168 -14.40 28.81 -25.44
C LEU A 168 -13.91 28.04 -24.22
N ILE A 169 -14.82 27.39 -23.50
CA ILE A 169 -14.44 26.54 -22.36
C ILE A 169 -13.59 25.33 -22.81
N ILE A 170 -13.99 24.72 -23.91
CA ILE A 170 -13.22 23.60 -24.48
C ILE A 170 -11.85 24.09 -25.00
N GLU A 171 -11.82 25.25 -25.65
CA GLU A 171 -10.55 25.85 -26.07
C GLU A 171 -9.57 26.03 -24.89
N ASP A 172 -10.09 26.53 -23.77
CA ASP A 172 -9.29 26.72 -22.52
C ASP A 172 -8.70 25.40 -22.03
N LEU A 173 -9.54 24.39 -21.94
CA LEU A 173 -9.11 23.07 -21.46
C LEU A 173 -8.14 22.39 -22.43
N ASN A 174 -8.31 22.64 -23.73
CA ASN A 174 -7.42 22.08 -24.75
C ASN A 174 -5.99 22.63 -24.64
N LYS A 175 -5.81 23.83 -24.08
CA LYS A 175 -4.47 24.40 -23.86
C LYS A 175 -3.60 23.44 -23.02
N TYR A 176 -4.24 22.73 -22.07
CA TYR A 176 -3.55 21.77 -21.20
C TYR A 176 -3.36 20.38 -21.82
N HIS A 177 -3.80 20.19 -23.07
CA HIS A 177 -3.68 18.91 -23.78
C HIS A 177 -4.50 17.79 -23.13
N LEU A 178 -5.56 18.14 -22.41
CA LEU A 178 -6.41 17.14 -21.77
C LEU A 178 -7.05 16.28 -22.87
N ASN A 179 -6.88 14.96 -22.80
CA ASN A 179 -7.35 14.06 -23.86
C ASN A 179 -8.60 13.28 -23.46
N GLY A 180 -9.12 13.56 -22.27
CA GLY A 180 -10.39 13.01 -21.82
C GLY A 180 -11.02 13.93 -20.81
N LEU A 181 -12.34 14.02 -20.84
CA LEU A 181 -13.11 14.85 -19.92
C LEU A 181 -14.22 14.04 -19.29
N LEU A 182 -14.23 13.97 -17.97
CA LEU A 182 -15.29 13.31 -17.23
C LEU A 182 -16.43 14.30 -17.01
N PHE A 183 -17.62 13.99 -17.53
CA PHE A 183 -18.81 14.81 -17.33
C PHE A 183 -19.45 14.38 -16.01
N TYR A 184 -19.28 15.20 -14.98
CA TYR A 184 -19.67 14.85 -13.62
C TYR A 184 -21.07 15.40 -13.31
N ASP A 185 -21.95 14.52 -12.84
CA ASP A 185 -23.35 14.85 -12.52
C ASP A 185 -24.08 15.55 -13.69
N TRP A 186 -23.95 14.98 -14.89
CA TRP A 186 -24.72 15.38 -16.06
C TRP A 186 -26.08 14.63 -16.07
N GLN A 187 -26.09 13.43 -15.51
CA GLN A 187 -27.19 12.47 -15.73
C GLN A 187 -28.44 12.85 -14.95
N TYR A 188 -29.52 12.18 -15.31
CA TYR A 188 -30.82 12.39 -14.68
C TYR A 188 -30.92 11.62 -13.36
N LYS A 189 -30.90 10.29 -13.42
CA LYS A 189 -30.90 9.45 -12.22
C LYS A 189 -29.83 8.38 -12.34
N HIS A 190 -29.27 7.98 -11.21
CA HIS A 190 -28.23 6.93 -11.19
C HIS A 190 -28.74 5.60 -11.74
N ASN A 191 -30.05 5.34 -11.56
CA ASN A 191 -30.69 4.15 -12.11
C ASN A 191 -31.48 4.43 -13.42
N LYS A 192 -31.44 5.66 -13.91
CA LYS A 192 -32.09 6.06 -15.17
C LYS A 192 -31.40 7.32 -15.71
N PRO A 193 -30.19 7.17 -16.27
CA PRO A 193 -29.41 8.35 -16.69
C PRO A 193 -30.06 9.25 -17.75
N LEU A 194 -30.84 8.66 -18.65
CA LEU A 194 -31.55 9.41 -19.68
C LEU A 194 -32.88 9.97 -19.14
N ALA A 195 -33.04 11.29 -19.22
CA ALA A 195 -34.31 11.97 -19.03
C ALA A 195 -35.12 11.92 -20.32
N GLY A 196 -36.40 11.55 -20.22
CA GLY A 196 -37.22 11.29 -21.40
C GLY A 196 -36.97 9.90 -21.94
N THR A 197 -36.98 9.76 -23.26
CA THR A 197 -36.75 8.46 -23.91
C THR A 197 -35.84 8.67 -25.11
N VAL A 198 -35.34 7.58 -25.68
CA VAL A 198 -34.46 7.65 -26.84
C VAL A 198 -35.19 8.33 -28.02
N GLU A 199 -36.47 8.00 -28.17
CA GLU A 199 -37.28 8.55 -29.26
C GLU A 199 -37.52 10.04 -29.08
N ASN A 200 -37.62 10.50 -27.83
CA ASN A 200 -37.77 11.92 -27.55
C ASN A 200 -37.09 12.34 -26.25
N PRO A 201 -35.79 12.69 -26.32
CA PRO A 201 -35.09 13.07 -25.10
C PRO A 201 -35.61 14.35 -24.47
N ASP A 202 -35.65 14.38 -23.15
CA ASP A 202 -36.04 15.59 -22.43
C ASP A 202 -34.90 16.61 -22.51
N PRO A 203 -35.16 17.83 -23.02
CA PRO A 203 -34.05 18.78 -23.16
C PRO A 203 -33.51 19.38 -21.86
N LYS A 204 -34.21 19.19 -20.74
CA LYS A 204 -33.79 19.81 -19.47
C LYS A 204 -34.27 18.96 -18.30
N TRP A 205 -33.37 18.74 -17.33
CA TRP A 205 -33.70 17.91 -16.18
C TRP A 205 -32.94 18.30 -14.93
N LYS A 206 -33.34 17.72 -13.80
CA LYS A 206 -32.62 17.88 -12.53
C LYS A 206 -31.59 16.77 -12.38
N ASP A 207 -30.39 17.11 -11.93
CA ASP A 207 -29.38 16.11 -11.54
C ASP A 207 -29.58 15.71 -10.08
N ILE A 208 -28.67 14.86 -9.59
CA ILE A 208 -28.68 14.38 -8.20
C ILE A 208 -28.81 15.48 -7.13
N ALA A 209 -28.24 16.66 -7.37
CA ALA A 209 -28.28 17.77 -6.42
C ALA A 209 -29.36 18.82 -6.75
N ASN A 210 -30.35 18.44 -7.56
CA ASN A 210 -31.40 19.37 -8.02
C ASN A 210 -30.88 20.60 -8.79
N ARG A 211 -29.74 20.46 -9.46
CA ARG A 211 -29.27 21.49 -10.39
C ARG A 211 -29.97 21.27 -11.72
N ASP A 212 -30.19 22.32 -12.50
CA ASP A 212 -30.71 22.16 -13.86
C ASP A 212 -29.61 21.75 -14.82
N ILE A 213 -29.87 20.69 -15.59
CA ILE A 213 -28.98 20.24 -16.64
C ILE A 213 -29.68 20.43 -17.97
N TYR A 214 -28.97 21.04 -18.92
CA TYR A 214 -29.48 21.24 -20.26
C TYR A 214 -28.79 20.31 -21.26
N GLY A 215 -29.59 19.45 -21.87
CA GLY A 215 -29.12 18.45 -22.82
C GLY A 215 -28.35 18.99 -23.99
N GLN A 216 -28.75 20.15 -24.51
CA GLN A 216 -28.05 20.74 -25.64
C GLN A 216 -26.61 21.16 -25.27
N THR A 217 -26.39 21.56 -24.02
CA THR A 217 -25.04 21.90 -23.52
C THR A 217 -24.16 20.63 -23.43
N VAL A 218 -24.73 19.56 -22.90
CA VAL A 218 -24.04 18.26 -22.90
C VAL A 218 -23.63 17.85 -24.32
N LYS A 219 -24.58 17.93 -25.27
CA LYS A 219 -24.28 17.58 -26.66
C LYS A 219 -23.24 18.48 -27.30
N ASP A 220 -23.31 19.77 -27.02
CA ASP A 220 -22.38 20.75 -27.60
C ASP A 220 -20.95 20.47 -27.14
N TYR A 221 -20.81 20.27 -25.84
CA TYR A 221 -19.52 19.91 -25.25
C TYR A 221 -18.95 18.62 -25.85
N ILE A 222 -19.82 17.63 -26.06
CA ILE A 222 -19.39 16.37 -26.68
C ILE A 222 -18.87 16.62 -28.09
N GLU A 223 -19.62 17.38 -28.89
CA GLU A 223 -19.21 17.65 -30.27
C GLU A 223 -17.90 18.42 -30.31
N LEU A 224 -17.79 19.42 -29.44
CA LEU A 224 -16.58 20.26 -29.39
C LEU A 224 -15.36 19.48 -28.93
N ALA A 225 -15.52 18.66 -27.90
CA ALA A 225 -14.45 17.77 -27.43
C ALA A 225 -13.96 16.85 -28.54
N HIS A 226 -14.89 16.22 -29.24
CA HIS A 226 -14.54 15.33 -30.34
C HIS A 226 -13.78 16.00 -31.48
N SER A 227 -14.07 17.27 -31.75
CA SER A 227 -13.34 18.01 -32.79
C SER A 227 -11.86 18.23 -32.41
N LYS A 228 -11.55 18.15 -31.12
CA LYS A 228 -10.18 18.21 -30.61
C LYS A 228 -9.57 16.86 -30.23
N ASN A 229 -10.20 15.75 -30.66
CA ASN A 229 -9.80 14.39 -30.33
C ASN A 229 -9.78 14.12 -28.83
N ILE A 230 -10.73 14.70 -28.10
CA ILE A 230 -10.85 14.52 -26.66
C ILE A 230 -11.95 13.48 -26.40
N MET A 231 -11.62 12.46 -25.60
CA MET A 231 -12.60 11.45 -25.21
C MET A 231 -13.52 12.07 -24.18
N VAL A 232 -14.78 11.67 -24.19
CA VAL A 232 -15.73 12.18 -23.21
CA VAL A 232 -15.78 12.18 -23.26
C VAL A 232 -16.36 11.02 -22.47
N ALA A 233 -16.34 11.14 -21.14
CA ALA A 233 -16.74 10.07 -20.26
C ALA A 233 -18.02 10.43 -19.49
N ASN A 234 -18.92 9.47 -19.45
CA ASN A 234 -20.20 9.55 -18.75
C ASN A 234 -20.04 9.02 -17.33
N TYR A 235 -20.24 9.90 -16.33
CA TYR A 235 -20.17 9.53 -14.92
C TYR A 235 -21.45 8.84 -14.46
N ASN A 236 -21.29 7.66 -13.84
CA ASN A 236 -22.35 7.08 -13.01
C ASN A 236 -21.73 6.08 -12.06
N LEU A 237 -22.37 5.87 -10.91
CA LEU A 237 -22.02 4.77 -10.03
C LEU A 237 -22.28 3.41 -10.68
N MET A 238 -21.55 2.43 -10.20
CA MET A 238 -21.74 1.02 -10.58
C MET A 238 -23.11 0.47 -10.18
N TYR A 239 -23.67 1.00 -9.10
CA TYR A 239 -24.64 0.25 -8.31
C TYR A 239 -25.60 1.09 -7.51
N GLY A 240 -26.00 2.26 -8.04
CA GLY A 240 -26.82 3.21 -7.31
C GLY A 240 -28.22 3.35 -7.87
N GLY A 241 -29.19 3.56 -6.98
CA GLY A 241 -30.57 3.87 -7.36
C GLY A 241 -31.19 4.87 -6.41
N TYR A 242 -32.11 5.68 -6.93
CA TYR A 242 -32.82 6.66 -6.13
C TYR A 242 -33.78 6.00 -5.15
N PHE A 243 -34.26 6.78 -4.18
CA PHE A 243 -35.28 6.34 -3.20
C PHE A 243 -36.48 5.62 -3.83
N ASP A 244 -36.91 6.09 -5.01
CA ASP A 244 -38.08 5.54 -5.72
C ASP A 244 -37.70 4.57 -6.85
N TYR A 245 -36.67 3.75 -6.64
CA TYR A 245 -36.19 2.88 -7.72
C TYR A 245 -37.19 1.81 -8.14
N VAL A 246 -38.08 1.40 -7.22
CA VAL A 246 -39.15 0.43 -7.55
C VAL A 246 -40.07 0.99 -8.64
N LYS A 247 -40.42 2.26 -8.55
CA LYS A 247 -41.21 2.93 -9.60
C LYS A 247 -40.53 2.88 -10.99
N ASP A 248 -39.19 2.89 -11.01
CA ASP A 248 -38.42 2.78 -12.26
C ASP A 248 -38.09 1.33 -12.69
N GLY A 249 -38.61 0.33 -11.99
CA GLY A 249 -38.49 -1.07 -12.40
C GLY A 249 -37.31 -1.84 -11.82
N ALA A 250 -36.55 -1.23 -10.92
CA ALA A 250 -35.49 -1.96 -10.20
C ALA A 250 -36.11 -2.66 -8.99
N LYS A 251 -35.46 -3.71 -8.51
CA LYS A 251 -36.04 -4.60 -7.49
C LYS A 251 -35.16 -4.72 -6.24
N PRO A 252 -35.77 -4.73 -5.04
CA PRO A 252 -35.04 -4.95 -3.77
C PRO A 252 -34.25 -6.24 -3.73
N GLU A 253 -34.73 -7.26 -4.44
CA GLU A 253 -34.05 -8.55 -4.56
C GLU A 253 -32.67 -8.45 -5.22
N TRP A 254 -32.41 -7.36 -5.94
CA TRP A 254 -31.09 -7.12 -6.57
C TRP A 254 -30.14 -6.33 -5.68
N GLY A 255 -30.62 -5.93 -4.51
CA GLY A 255 -29.90 -5.00 -3.64
C GLY A 255 -28.71 -5.58 -2.91
N LEU A 256 -27.89 -4.66 -2.41
CA LEU A 256 -26.80 -4.95 -1.49
C LEU A 256 -27.27 -4.56 -0.10
N TYR A 257 -27.06 -5.45 0.88
CA TYR A 257 -27.59 -5.31 2.23
C TYR A 257 -26.50 -5.31 3.30
N LYS A 258 -26.76 -4.60 4.39
CA LYS A 258 -25.82 -4.48 5.51
C LYS A 258 -25.96 -5.60 6.54
N ASP A 259 -26.89 -6.51 6.30
CA ASP A 259 -27.13 -7.64 7.19
C ASP A 259 -27.55 -8.83 6.33
N PRO A 260 -27.46 -10.05 6.88
CA PRO A 260 -27.82 -11.21 6.08
C PRO A 260 -29.32 -11.56 6.08
N ASN A 261 -30.19 -10.68 6.59
CA ASN A 261 -31.65 -10.91 6.67
C ASN A 261 -32.47 -9.93 5.83
N HIS A 262 -31.84 -9.35 4.80
CA HIS A 262 -32.37 -8.24 3.99
C HIS A 262 -33.18 -7.17 4.74
N GLU A 263 -32.77 -6.82 5.95
CA GLU A 263 -33.45 -5.81 6.75
C GLU A 263 -33.12 -4.38 6.34
N GLU A 264 -31.85 -4.12 6.01
CA GLU A 264 -31.37 -2.77 5.74
C GLU A 264 -30.53 -2.76 4.46
N GLN A 265 -31.11 -2.24 3.38
CA GLN A 265 -30.37 -2.13 2.12
C GLN A 265 -29.27 -1.10 2.31
N ASP A 266 -28.07 -1.41 1.85
CA ASP A 266 -26.96 -0.47 1.95
C ASP A 266 -27.32 0.80 1.18
N ASN A 267 -26.84 1.93 1.66
CA ASN A 267 -27.21 3.21 1.09
C ASN A 267 -26.25 4.32 1.48
N HIS A 268 -26.21 5.36 0.65
CA HIS A 268 -25.35 6.52 0.84
C HIS A 268 -26.26 7.74 1.06
N PRO A 269 -26.36 8.22 2.31
CA PRO A 269 -27.19 9.41 2.56
C PRO A 269 -26.70 10.66 1.80
N LEU A 270 -27.64 11.50 1.38
CA LEU A 270 -27.36 12.74 0.70
C LEU A 270 -28.05 13.91 1.43
N PRO A 271 -27.62 15.16 1.16
CA PRO A 271 -28.28 16.35 1.74
C PRO A 271 -29.77 16.43 1.41
N HIS A 272 -30.57 16.97 2.33
CA HIS A 272 -32.04 16.94 2.18
C HIS A 272 -32.59 17.78 1.02
N THR A 273 -31.83 18.76 0.55
CA THR A 273 -32.21 19.57 -0.63
C THR A 273 -31.96 18.86 -1.97
N TRP A 274 -31.35 17.66 -1.95
CA TRP A 274 -30.97 16.95 -3.17
C TRP A 274 -32.15 16.14 -3.71
N ALA A 275 -31.99 15.54 -4.89
CA ALA A 275 -33.12 14.90 -5.60
C ALA A 275 -33.61 13.59 -4.98
N THR A 276 -32.79 12.98 -4.13
CA THR A 276 -33.17 11.78 -3.40
C THR A 276 -32.53 11.86 -2.01
N ASP A 277 -33.20 11.32 -0.98
CA ASP A 277 -32.66 11.35 0.39
C ASP A 277 -31.42 10.47 0.54
N ARG A 278 -31.34 9.44 -0.28
CA ARG A 278 -30.19 8.55 -0.31
C ARG A 278 -30.15 7.79 -1.60
N LEU A 279 -28.95 7.31 -1.93
CA LEU A 279 -28.78 6.37 -3.03
C LEU A 279 -28.72 4.98 -2.43
N TYR A 280 -29.64 4.12 -2.86
CA TYR A 280 -29.62 2.72 -2.46
C TYR A 280 -28.65 1.97 -3.36
N LEU A 281 -27.93 1.02 -2.77
CA LEU A 281 -26.91 0.26 -3.48
C LEU A 281 -27.37 -1.13 -3.87
N PHE A 282 -26.87 -1.58 -5.01
CA PHE A 282 -27.18 -2.86 -5.59
C PHE A 282 -25.94 -3.74 -5.67
N ASN A 283 -26.17 -5.04 -5.77
CA ASN A 283 -25.08 -6.01 -5.89
C ASN A 283 -24.60 -6.02 -7.33
N PRO A 284 -23.33 -5.60 -7.58
CA PRO A 284 -22.83 -5.60 -8.96
C PRO A 284 -22.81 -6.96 -9.65
N ALA A 285 -22.69 -8.03 -8.85
CA ALA A 285 -22.73 -9.40 -9.36
C ALA A 285 -24.14 -9.89 -9.71
N ASN A 286 -25.18 -9.15 -9.33
CA ASN A 286 -26.53 -9.53 -9.67
C ASN A 286 -26.78 -9.31 -11.17
N LYS A 287 -27.11 -10.38 -11.89
CA LYS A 287 -27.26 -10.34 -13.35
C LYS A 287 -28.47 -9.52 -13.78
N ASP A 288 -29.49 -9.47 -12.94
CA ASP A 288 -30.67 -8.63 -13.22
C ASP A 288 -30.37 -7.14 -13.06
N TRP A 289 -29.61 -6.78 -12.02
CA TRP A 289 -29.10 -5.41 -11.90
C TRP A 289 -28.25 -5.06 -13.12
N GLN A 290 -27.33 -5.95 -13.50
CA GLN A 290 -26.48 -5.68 -14.69
C GLN A 290 -27.32 -5.42 -15.93
N ASN A 291 -28.28 -6.33 -16.20
CA ASN A 291 -29.18 -6.15 -17.34
C ASN A 291 -29.92 -4.80 -17.28
N TYR A 292 -30.47 -4.47 -16.12
CA TYR A 292 -31.18 -3.21 -15.91
C TYR A 292 -30.31 -1.97 -16.13
N ILE A 293 -29.15 -1.92 -15.49
CA ILE A 293 -28.29 -0.73 -15.58
C ILE A 293 -27.61 -0.62 -16.95
N PHE A 294 -27.23 -1.74 -17.57
CA PHE A 294 -26.71 -1.70 -18.94
C PHE A 294 -27.76 -1.22 -19.95
N ASN A 295 -29.02 -1.66 -19.80
CA ASN A 295 -30.08 -1.17 -20.70
CA ASN A 295 -30.13 -1.17 -20.65
C ASN A 295 -30.31 0.33 -20.50
N ALA A 296 -30.29 0.80 -19.25
CA ALA A 296 -30.48 2.22 -18.97
C ALA A 296 -29.33 3.04 -19.53
N GLU A 297 -28.11 2.54 -19.40
CA GLU A 297 -26.94 3.22 -19.98
C GLU A 297 -26.92 3.20 -21.50
N LYS A 298 -27.32 2.08 -22.08
CA LYS A 298 -27.46 1.97 -23.53
C LYS A 298 -28.35 3.09 -24.09
N ASP A 299 -29.46 3.37 -23.41
CA ASP A 299 -30.33 4.49 -23.79
C ASP A 299 -29.59 5.83 -23.73
N ALA A 300 -28.86 6.07 -22.64
CA ALA A 300 -28.08 7.32 -22.50
C ALA A 300 -27.03 7.48 -23.60
N PHE A 301 -26.26 6.42 -23.86
CA PHE A 301 -25.25 6.42 -24.93
C PHE A 301 -25.87 6.54 -26.33
N ARG A 302 -27.12 6.10 -26.50
CA ARG A 302 -27.80 6.30 -27.79
C ARG A 302 -28.09 7.76 -28.10
N VAL A 303 -28.37 8.55 -27.06
CA VAL A 303 -28.73 9.95 -27.21
C VAL A 303 -27.51 10.85 -27.17
N TYR A 304 -26.64 10.61 -26.20
CA TYR A 304 -25.48 11.46 -25.93
C TYR A 304 -24.23 10.68 -26.30
N ASN A 305 -23.44 11.22 -27.21
CA ASN A 305 -22.39 10.44 -27.87
C ASN A 305 -21.10 10.29 -27.05
N PHE A 306 -21.26 9.83 -25.80
CA PHE A 306 -20.13 9.55 -24.92
C PHE A 306 -19.29 8.40 -25.47
N ASP A 307 -17.99 8.44 -25.17
CA ASP A 307 -17.04 7.40 -25.57
C ASP A 307 -16.78 6.37 -24.47
N VAL A 308 -17.00 6.77 -23.21
CA VAL A 308 -16.53 6.01 -22.04
C VAL A 308 -17.61 6.03 -20.98
N TRP A 309 -17.81 4.91 -20.30
CA TRP A 309 -18.54 4.91 -19.06
C TRP A 309 -17.49 4.94 -17.95
N HIS A 310 -17.47 6.05 -17.20
CA HIS A 310 -16.67 6.17 -15.98
C HIS A 310 -17.51 5.66 -14.82
N VAL A 311 -17.17 4.46 -14.37
CA VAL A 311 -17.92 3.73 -13.34
C VAL A 311 -17.34 4.07 -11.98
N ASP A 312 -18.08 4.83 -11.19
CA ASP A 312 -17.65 5.21 -9.86
C ASP A 312 -18.06 4.14 -8.85
N THR A 313 -17.31 4.09 -7.75
CA THR A 313 -17.63 3.24 -6.60
C THR A 313 -17.43 4.06 -5.35
N LEU A 314 -17.98 3.59 -4.24
CA LEU A 314 -17.85 4.29 -2.96
C LEU A 314 -16.78 3.69 -2.06
N GLY A 315 -16.11 2.62 -2.48
CA GLY A 315 -15.10 1.99 -1.64
C GLY A 315 -15.69 0.91 -0.76
N PRO A 316 -14.94 0.49 0.28
CA PRO A 316 -15.43 -0.54 1.18
C PRO A 316 -16.73 -0.14 1.87
N ARG A 317 -17.66 -1.08 1.99
CA ARG A 317 -18.97 -0.83 2.60
C ARG A 317 -19.21 -1.62 3.88
N GLY A 318 -18.14 -2.07 4.54
CA GLY A 318 -18.26 -3.01 5.65
C GLY A 318 -18.68 -4.39 5.16
N MET A 319 -19.23 -5.19 6.08
CA MET A 319 -19.70 -6.52 5.73
C MET A 319 -21.04 -6.39 5.03
N VAL A 320 -21.12 -6.86 3.80
CA VAL A 320 -22.34 -6.73 2.99
C VAL A 320 -22.79 -8.07 2.42
N TYR A 321 -24.06 -8.11 2.05
CA TYR A 321 -24.76 -9.35 1.68
C TYR A 321 -25.72 -9.11 0.53
N ASP A 322 -26.03 -10.18 -0.21
CA ASP A 322 -27.11 -10.11 -1.19
C ASP A 322 -28.46 -10.27 -0.48
N TYR A 323 -29.55 -10.18 -1.23
CA TYR A 323 -30.89 -10.30 -0.66
C TYR A 323 -31.10 -11.63 0.09
N ASN A 324 -30.59 -12.72 -0.45
CA ASN A 324 -30.68 -14.05 0.18
C ASN A 324 -29.70 -14.30 1.34
N GLY A 325 -28.91 -13.29 1.72
CA GLY A 325 -28.03 -13.39 2.88
C GLY A 325 -26.64 -13.93 2.61
N ASN A 326 -26.30 -14.21 1.35
CA ASN A 326 -24.95 -14.65 1.00
C ASN A 326 -24.01 -13.46 1.17
N PRO A 327 -22.87 -13.64 1.87
CA PRO A 327 -21.88 -12.56 1.90
C PRO A 327 -21.41 -12.20 0.50
N VAL A 328 -21.20 -10.91 0.25
CA VAL A 328 -20.72 -10.41 -1.03
C VAL A 328 -19.38 -9.73 -0.78
N GLU A 329 -18.35 -10.21 -1.45
CA GLU A 329 -17.01 -9.61 -1.42
C GLU A 329 -17.01 -8.57 -2.54
N LEU A 330 -17.26 -7.32 -2.18
CA LEU A 330 -17.58 -6.31 -3.19
C LEU A 330 -16.52 -6.18 -4.27
N SER A 331 -15.25 -6.10 -3.88
CA SER A 331 -14.14 -5.96 -4.82
C SER A 331 -14.07 -7.11 -5.82
N PHE A 332 -14.47 -8.32 -5.38
CA PHE A 332 -14.48 -9.52 -6.22
C PHE A 332 -15.47 -9.40 -7.40
N THR A 333 -16.48 -8.55 -7.26
CA THR A 333 -17.53 -8.39 -8.28
C THR A 333 -17.19 -7.39 -9.40
N TYR A 334 -16.20 -6.53 -9.19
CA TYR A 334 -15.96 -5.40 -10.10
C TYR A 334 -15.62 -5.81 -11.52
N ALA A 335 -14.63 -6.70 -11.68
CA ALA A 335 -14.12 -7.00 -13.02
C ALA A 335 -15.18 -7.60 -13.95
N ASP A 336 -15.97 -8.53 -13.42
CA ASP A 336 -17.07 -9.17 -14.17
C ASP A 336 -18.09 -8.11 -14.59
N PHE A 337 -18.48 -7.26 -13.65
CA PHE A 337 -19.39 -6.14 -13.96
C PHE A 337 -18.82 -5.29 -15.10
N LEU A 338 -17.57 -4.87 -14.96
CA LEU A 338 -16.94 -3.94 -15.90
C LEU A 338 -16.77 -4.55 -17.29
N ASN A 339 -16.34 -5.81 -17.34
CA ASN A 339 -16.21 -6.52 -18.61
C ASN A 339 -17.55 -6.74 -19.31
N ASN A 340 -18.57 -7.11 -18.53
CA ASN A 340 -19.92 -7.25 -19.06
C ASN A 340 -20.49 -5.93 -19.55
N ALA A 341 -20.21 -4.84 -18.83
CA ALA A 341 -20.62 -3.50 -19.27
C ALA A 341 -19.99 -3.12 -20.61
N LYS A 342 -18.69 -3.35 -20.73
CA LYS A 342 -17.97 -3.08 -21.97
C LYS A 342 -18.58 -3.82 -23.16
N ASN A 343 -18.85 -5.10 -22.95
CA ASN A 343 -19.51 -5.95 -23.96
C ASN A 343 -20.93 -5.50 -24.30
N ALA A 344 -21.74 -5.22 -23.28
CA ALA A 344 -23.12 -4.77 -23.48
C ALA A 344 -23.23 -3.43 -24.22
N LEU A 345 -22.34 -2.50 -23.89
CA LEU A 345 -22.42 -1.15 -24.40
C LEU A 345 -21.59 -0.90 -25.64
N GLY A 346 -20.56 -1.74 -25.87
CA GLY A 346 -19.55 -1.48 -26.90
C GLY A 346 -18.86 -0.14 -26.69
N LYS A 347 -18.55 0.17 -25.43
CA LYS A 347 -17.90 1.44 -25.08
C LYS A 347 -16.72 1.14 -24.16
N ARG A 348 -15.81 2.10 -24.09
CA ARG A 348 -14.68 2.00 -23.18
C ARG A 348 -15.14 2.20 -21.75
N ILE A 349 -14.40 1.61 -20.83
CA ILE A 349 -14.76 1.62 -19.41
C ILE A 349 -13.55 2.08 -18.58
N VAL A 350 -13.79 2.93 -17.59
CA VAL A 350 -12.84 3.24 -16.52
C VAL A 350 -13.59 3.07 -15.21
N CYS A 351 -12.90 2.60 -14.17
CA CYS A 351 -13.52 2.39 -12.87
C CYS A 351 -12.72 3.07 -11.76
N ASN A 352 -13.38 3.86 -10.92
CA ASN A 352 -12.74 4.45 -9.75
C ASN A 352 -12.67 3.45 -8.60
N THR A 353 -11.47 2.96 -8.31
CA THR A 353 -11.25 2.11 -7.14
C THR A 353 -10.77 3.00 -5.99
N VAL A 354 -11.74 3.55 -5.27
CA VAL A 354 -11.52 4.51 -4.16
C VAL A 354 -10.60 3.92 -3.12
N ASN A 355 -9.54 4.66 -2.76
CA ASN A 355 -8.54 4.20 -1.77
C ASN A 355 -7.94 2.84 -2.13
N GLU A 356 -7.87 2.58 -3.44
CA GLU A 356 -7.38 1.33 -4.02
C GLU A 356 -8.28 0.12 -3.75
N TYR A 357 -9.49 0.32 -3.22
CA TYR A 357 -10.37 -0.82 -2.94
C TYR A 357 -10.87 -1.40 -4.26
N GLY A 358 -10.44 -2.63 -4.54
CA GLY A 358 -10.71 -3.28 -5.80
C GLY A 358 -9.67 -3.05 -6.88
N LEU A 359 -8.62 -2.28 -6.60
CA LEU A 359 -7.57 -2.03 -7.59
C LEU A 359 -6.88 -3.32 -8.06
N ILE A 360 -6.58 -4.22 -7.12
CA ILE A 360 -5.95 -5.49 -7.48
C ILE A 360 -6.86 -6.25 -8.47
N ASN A 361 -8.15 -6.27 -8.18
CA ASN A 361 -9.11 -7.02 -8.98
C ASN A 361 -9.31 -6.38 -10.37
N VAL A 362 -9.44 -5.06 -10.39
CA VAL A 362 -9.62 -4.32 -11.66
C VAL A 362 -8.36 -4.37 -12.53
N ALA A 363 -7.20 -4.11 -11.91
CA ALA A 363 -5.94 -4.08 -12.67
C ALA A 363 -5.61 -5.43 -13.30
N SER A 364 -5.89 -6.52 -12.59
CA SER A 364 -5.58 -7.85 -13.11
C SER A 364 -6.65 -8.43 -14.05
N GLY A 365 -7.92 -8.05 -13.86
CA GLY A 365 -9.04 -8.75 -14.51
C GLY A 365 -10.00 -7.97 -15.40
N ALA A 366 -9.99 -6.64 -15.31
CA ALA A 366 -10.96 -5.83 -16.04
C ALA A 366 -10.32 -5.17 -17.26
N ASP A 367 -11.03 -5.17 -18.37
CA ASP A 367 -10.57 -4.55 -19.62
C ASP A 367 -10.89 -3.03 -19.61
N VAL A 368 -10.38 -2.35 -18.59
CA VAL A 368 -10.52 -0.87 -18.45
C VAL A 368 -9.43 -0.18 -19.26
N ASP A 369 -9.68 1.04 -19.71
CA ASP A 369 -8.68 1.75 -20.51
C ASP A 369 -7.45 2.10 -19.68
N PHE A 370 -7.69 2.49 -18.44
CA PHE A 370 -6.64 2.76 -17.47
C PHE A 370 -7.20 2.64 -16.06
N LEU A 371 -6.33 2.73 -15.08
CA LEU A 371 -6.71 2.61 -13.68
C LEU A 371 -6.96 4.01 -13.12
N TYR A 372 -7.86 4.11 -12.15
CA TYR A 372 -8.24 5.39 -11.55
C TYR A 372 -8.43 5.21 -10.05
N VAL A 373 -7.66 5.97 -9.27
CA VAL A 373 -7.71 5.87 -7.83
C VAL A 373 -7.96 7.24 -7.22
N GLU A 374 -9.13 7.39 -6.59
CA GLU A 374 -9.43 8.54 -5.74
C GLU A 374 -8.86 8.27 -4.36
N ILE A 375 -8.17 9.24 -3.81
N ILE A 375 -7.90 9.09 -3.90
CA ILE A 375 -7.79 9.22 -2.40
CA ILE A 375 -7.14 8.83 -2.66
C ILE A 375 -8.85 9.97 -1.57
C ILE A 375 -7.41 9.86 -1.57
N TRP A 376 -9.42 9.29 -0.59
N TRP A 376 -7.32 9.41 -0.33
CA TRP A 376 -10.36 9.92 0.34
CA TRP A 376 -7.79 10.22 0.79
C TRP A 376 -9.68 10.07 1.71
C TRP A 376 -6.84 10.26 1.96
N PRO A 377 -9.45 11.31 2.17
N PRO A 377 -6.37 11.47 2.31
CA PRO A 377 -8.74 11.55 3.43
CA PRO A 377 -5.98 11.63 3.70
C PRO A 377 -9.45 10.94 4.63
C PRO A 377 -7.24 11.44 4.52
N PRO A 378 -8.77 10.88 5.78
N PRO A 378 -7.10 11.08 5.80
CA PRO A 378 -7.42 11.41 6.09
CA PRO A 378 -5.82 10.99 6.50
C PRO A 378 -6.25 10.52 5.66
C PRO A 378 -4.96 9.78 6.09
N ALA A 379 -6.50 9.24 5.45
N ALA A 379 -5.60 8.65 5.80
CA ALA A 379 -5.43 8.29 5.15
CA ALA A 379 -4.88 7.40 5.52
C ALA A 379 -4.73 8.65 3.84
C ALA A 379 -3.70 7.57 4.57
N ARG A 380 -3.60 8.01 3.59
N ARG A 380 -3.95 8.24 3.45
CA ARG A 380 -2.77 8.29 2.40
CA ARG A 380 -2.92 8.35 2.43
C ARG A 380 -2.34 9.75 2.26
C ARG A 380 -2.47 9.79 2.26
N ALA A 381 -2.10 10.41 3.38
CA ALA A 381 -1.66 11.82 3.42
C ALA A 381 -0.20 12.03 3.01
N HIS A 382 0.63 11.01 3.21
CA HIS A 382 2.08 11.15 2.98
C HIS A 382 2.39 11.27 1.47
N TYR A 383 3.34 12.15 1.12
CA TYR A 383 3.78 12.26 -0.29
C TYR A 383 4.04 10.92 -0.97
N ASN A 384 4.67 10.00 -0.25
CA ASN A 384 4.96 8.67 -0.79
C ASN A 384 3.79 7.98 -1.46
N PHE A 385 2.59 8.15 -0.92
CA PHE A 385 1.39 7.51 -1.47
C PHE A 385 1.02 7.96 -2.87
N LEU A 386 1.40 9.17 -3.24
CA LEU A 386 1.20 9.64 -4.60
C LEU A 386 2.00 8.76 -5.58
N LYS A 387 3.22 8.38 -5.21
CA LYS A 387 4.03 7.46 -6.01
C LYS A 387 3.57 6.02 -5.84
N GLN A 388 3.33 5.62 -4.59
CA GLN A 388 2.98 4.23 -4.33
C GLN A 388 1.68 3.79 -4.99
N THR A 389 0.70 4.68 -5.09
CA THR A 389 -0.55 4.36 -5.78
C THR A 389 -0.29 4.02 -7.24
N VAL A 390 0.57 4.82 -7.87
CA VAL A 390 0.91 4.60 -9.27
C VAL A 390 1.70 3.28 -9.42
N ASP A 391 2.64 3.05 -8.51
CA ASP A 391 3.42 1.80 -8.51
C ASP A 391 2.51 0.57 -8.34
N ASN A 392 1.51 0.67 -7.47
CA ASN A 392 0.54 -0.41 -7.30
C ASN A 392 -0.26 -0.70 -8.58
N GLY A 393 -0.69 0.35 -9.26
CA GLY A 393 -1.36 0.20 -10.54
C GLY A 393 -0.49 -0.49 -11.56
N TYR A 394 0.75 -0.06 -11.67
CA TYR A 394 1.72 -0.69 -12.58
C TYR A 394 1.95 -2.16 -12.21
N ASN A 395 2.22 -2.42 -10.94
CA ASN A 395 2.49 -3.80 -10.49
C ASN A 395 1.30 -4.72 -10.63
N TYR A 396 0.13 -4.29 -10.14
CA TYR A 396 -1.07 -5.13 -10.20
C TYR A 396 -1.53 -5.42 -11.65
N SER A 397 -1.22 -4.52 -12.58
CA SER A 397 -1.58 -4.70 -14.00
C SER A 397 -0.46 -5.33 -14.85
N ASP A 398 0.61 -5.81 -14.21
CA ASP A 398 1.79 -6.35 -14.92
C ASP A 398 2.34 -5.32 -15.94
N GLY A 399 2.27 -4.03 -15.58
CA GLY A 399 2.70 -2.94 -16.45
C GLY A 399 1.87 -2.64 -17.69
N LYS A 400 0.65 -3.16 -17.75
CA LYS A 400 -0.20 -3.02 -18.93
C LYS A 400 -1.18 -1.84 -18.86
N LYS A 401 -1.36 -1.22 -17.70
CA LYS A 401 -2.31 -0.11 -17.58
C LYS A 401 -1.67 1.09 -16.91
N ALA A 402 -1.99 2.28 -17.42
CA ALA A 402 -1.61 3.55 -16.79
C ALA A 402 -2.53 3.85 -15.61
N THR A 403 -2.09 4.75 -14.74
CA THR A 403 -2.87 5.13 -13.54
C THR A 403 -3.14 6.62 -13.49
N VAL A 404 -4.39 6.97 -13.21
CA VAL A 404 -4.84 8.33 -12.92
C VAL A 404 -5.20 8.40 -11.45
N VAL A 405 -4.80 9.47 -10.80
CA VAL A 405 -5.07 9.69 -9.38
C VAL A 405 -5.98 10.92 -9.22
N ALA A 406 -7.01 10.80 -8.37
CA ALA A 406 -7.77 11.95 -7.90
C ALA A 406 -7.29 12.21 -6.48
N ALA A 407 -6.77 13.41 -6.27
CA ALA A 407 -6.13 13.77 -5.02
C ALA A 407 -6.46 15.24 -4.83
N TYR A 408 -7.50 15.52 -4.04
CA TYR A 408 -8.08 16.87 -4.04
C TYR A 408 -7.25 17.83 -3.19
N MET A 409 -6.69 18.82 -3.85
CA MET A 409 -5.71 19.69 -3.23
C MET A 409 -6.36 20.74 -2.31
N ASN A 410 -5.71 20.99 -1.18
CA ASN A 410 -6.13 22.00 -0.20
C ASN A 410 -7.54 21.74 0.31
N TYR A 411 -7.90 20.45 0.39
CA TYR A 411 -9.24 20.01 0.81
C TYR A 411 -9.64 20.62 2.14
N GLY A 412 -8.67 20.76 3.05
CA GLY A 412 -8.92 21.37 4.36
C GLY A 412 -9.53 22.76 4.36
N ILE A 413 -9.36 23.53 3.27
CA ILE A 413 -9.98 24.86 3.14
C ILE A 413 -11.02 24.91 2.01
N ALA A 414 -11.49 23.76 1.57
CA ALA A 414 -12.39 23.70 0.41
C ALA A 414 -13.78 24.30 0.69
N ASP A 415 -14.15 24.48 1.96
CA ASP A 415 -15.41 25.21 2.29
C ASP A 415 -15.25 26.72 2.49
N ARG A 416 -14.01 27.22 2.40
CA ARG A 416 -13.73 28.66 2.41
C ARG A 416 -13.73 29.23 1.01
N SER A 417 -14.17 30.49 0.88
CA SER A 417 -13.88 31.27 -0.32
C SER A 417 -12.40 31.63 -0.28
N ALA A 418 -11.61 30.95 -1.09
CA ALA A 418 -10.17 31.04 -0.96
C ALA A 418 -9.43 30.65 -2.24
N GLU A 419 -8.12 30.51 -2.14
CA GLU A 419 -7.24 30.24 -3.28
C GLU A 419 -6.53 28.89 -3.07
N PHE A 420 -6.32 28.15 -4.16
CA PHE A 420 -5.38 27.03 -4.15
C PHE A 420 -4.00 27.57 -3.85
N ASN A 421 -3.18 26.76 -3.17
CA ASN A 421 -1.80 27.13 -2.91
C ASN A 421 -0.95 26.72 -4.12
N LYS A 422 -0.32 27.69 -4.76
CA LYS A 422 0.46 27.41 -5.97
C LYS A 422 1.71 26.56 -5.74
N HIS A 423 2.19 26.47 -4.50
CA HIS A 423 3.38 25.66 -4.20
C HIS A 423 3.02 24.20 -3.98
N SER A 424 2.05 23.94 -3.14
CA SER A 424 1.66 22.55 -2.85
C SER A 424 1.01 21.89 -4.08
N VAL A 425 0.31 22.65 -4.91
CA VAL A 425 -0.27 22.07 -6.11
C VAL A 425 0.83 21.60 -7.07
N ARG A 426 1.91 22.38 -7.21
CA ARG A 426 3.07 21.97 -8.05
C ARG A 426 3.77 20.75 -7.49
N LEU A 427 3.97 20.70 -6.17
CA LEU A 427 4.66 19.56 -5.56
C LEU A 427 3.86 18.26 -5.72
N THR A 428 2.55 18.34 -5.57
CA THR A 428 1.69 17.18 -5.77
C THR A 428 1.76 16.67 -7.22
N ASP A 429 1.70 17.57 -8.20
CA ASP A 429 1.80 17.14 -9.59
C ASP A 429 3.18 16.61 -9.93
N ALA A 430 4.24 17.22 -9.42
CA ALA A 430 5.59 16.65 -9.58
C ALA A 430 5.62 15.22 -9.07
N ALA A 431 5.09 15.00 -7.87
CA ALA A 431 5.08 13.66 -7.24
C ALA A 431 4.32 12.64 -8.08
N ILE A 432 3.15 13.01 -8.56
CA ILE A 432 2.32 12.11 -9.36
C ILE A 432 2.93 11.88 -10.76
N PHE A 433 3.31 12.96 -11.43
CA PHE A 433 3.79 12.89 -12.82
C PHE A 433 5.14 12.16 -12.88
N ALA A 434 6.04 12.45 -11.94
CA ALA A 434 7.37 11.79 -11.93
C ALA A 434 7.27 10.28 -11.72
N ALA A 435 6.27 9.88 -10.94
CA ALA A 435 5.98 8.46 -10.70
C ALA A 435 5.36 7.74 -11.90
N GLY A 436 4.99 8.47 -12.95
CA GLY A 436 4.36 7.93 -14.14
C GLY A 436 2.84 7.98 -14.09
N GLY A 437 2.32 8.84 -13.22
CA GLY A 437 0.89 9.01 -13.07
C GLY A 437 0.33 10.20 -13.82
N ASP A 438 -0.98 10.30 -13.75
CA ASP A 438 -1.72 11.47 -14.19
C ASP A 438 -2.59 11.91 -13.00
N HIS A 439 -2.92 13.20 -12.94
CA HIS A 439 -3.72 13.78 -11.86
C HIS A 439 -4.95 14.42 -12.47
N ILE A 440 -6.13 13.89 -12.18
CA ILE A 440 -7.38 14.53 -12.59
C ILE A 440 -7.65 15.71 -11.66
N GLU A 441 -7.59 16.93 -12.20
CA GLU A 441 -7.68 18.13 -11.39
C GLU A 441 -8.20 19.38 -12.11
N LEU A 442 -8.05 19.48 -13.44
CA LEU A 442 -8.44 20.66 -14.21
C LEU A 442 -9.79 20.45 -14.90
N GLY A 443 -10.62 21.48 -14.89
CA GLY A 443 -11.90 21.40 -15.59
C GLY A 443 -12.56 22.75 -15.78
N ASP A 444 -13.82 22.70 -16.19
CA ASP A 444 -14.58 23.92 -16.50
C ASP A 444 -14.63 24.91 -15.33
N THR A 445 -14.73 24.40 -14.11
CA THR A 445 -14.79 25.23 -12.91
C THR A 445 -13.42 25.68 -12.37
N GLY A 446 -12.32 25.29 -13.05
CA GLY A 446 -10.96 25.65 -12.67
C GLY A 446 -10.23 24.40 -12.22
N MET A 447 -10.20 24.18 -10.92
CA MET A 447 -9.52 23.02 -10.34
C MET A 447 -10.36 22.42 -9.20
N LEU A 448 -10.24 21.11 -9.03
CA LEU A 448 -10.96 20.37 -8.01
C LEU A 448 -10.43 20.61 -6.59
N SER A 449 -11.34 20.89 -5.66
CA SER A 449 -10.98 21.03 -4.25
C SER A 449 -11.66 20.03 -3.34
N LYS A 450 -12.66 19.31 -3.85
CA LYS A 450 -13.26 18.22 -3.10
C LYS A 450 -13.96 17.21 -4.02
N GLU A 451 -14.45 16.13 -3.41
CA GLU A 451 -15.07 15.01 -4.14
C GLU A 451 -16.32 15.39 -4.94
N TYR A 452 -17.03 16.41 -4.47
CA TYR A 452 -18.16 16.96 -5.21
C TYR A 452 -17.58 17.95 -6.23
N PHE A 453 -17.39 17.49 -7.47
CA PHE A 453 -16.65 18.23 -8.49
C PHE A 453 -17.17 19.64 -8.74
N PRO A 454 -18.51 19.86 -8.72
CA PRO A 454 -18.99 21.23 -8.92
C PRO A 454 -18.62 22.25 -7.83
N SER A 455 -18.15 21.81 -6.65
CA SER A 455 -17.77 22.75 -5.59
C SER A 455 -16.55 23.57 -6.02
N ALA A 456 -16.73 24.87 -6.16
CA ALA A 456 -15.70 25.73 -6.74
C ALA A 456 -15.31 26.90 -5.82
N ASN A 457 -15.22 26.64 -4.52
CA ASN A 457 -14.89 27.68 -3.56
C ASN A 457 -13.45 28.12 -3.62
N LEU A 458 -12.55 27.21 -4.02
CA LEU A 458 -11.14 27.55 -4.23
C LEU A 458 -10.90 27.90 -5.69
N LYS A 459 -10.18 29.00 -5.91
CA LYS A 459 -9.87 29.49 -7.25
C LYS A 459 -8.37 29.43 -7.46
N MET A 460 -7.96 29.22 -8.71
CA MET A 460 -6.54 29.29 -9.09
C MET A 460 -6.11 30.72 -9.36
N SER A 461 -5.00 31.13 -8.76
CA SER A 461 -4.38 32.41 -9.10
C SER A 461 -3.81 32.39 -10.51
N GLU A 462 -3.61 33.57 -11.08
CA GLU A 462 -2.95 33.71 -12.37
C GLU A 462 -1.60 32.99 -12.41
N SER A 463 -0.83 33.10 -11.32
CA SER A 463 0.45 32.40 -11.19
C SER A 463 0.33 30.90 -11.25
N LEU A 464 -0.69 30.35 -10.59
CA LEU A 464 -0.91 28.90 -10.62
C LEU A 464 -1.34 28.45 -12.02
N VAL A 465 -2.16 29.24 -12.69
CA VAL A 465 -2.57 28.89 -14.06
C VAL A 465 -1.34 28.74 -14.95
N LYS A 466 -0.41 29.70 -14.86
CA LYS A 466 0.82 29.64 -15.66
C LYS A 466 1.64 28.39 -15.37
N ALA A 467 1.77 28.06 -14.09
CA ALA A 467 2.48 26.85 -13.67
C ALA A 467 1.80 25.60 -14.23
N MET A 468 0.47 25.54 -14.17
CA MET A 468 -0.26 24.38 -14.69
C MET A 468 -0.08 24.23 -16.20
N ARG A 469 -0.09 25.34 -16.93
CA ARG A 469 0.24 25.29 -18.35
C ARG A 469 1.59 24.62 -18.60
N ASN A 470 2.61 25.02 -17.84
CA ASN A 470 3.95 24.46 -17.98
C ASN A 470 3.99 22.99 -17.57
N TYR A 471 3.35 22.68 -16.45
CA TYR A 471 3.34 21.30 -15.92
C TYR A 471 2.62 20.33 -16.87
N TYR A 472 1.54 20.78 -17.47
CA TYR A 472 0.82 19.97 -18.48
C TYR A 472 1.54 19.90 -19.82
N ASP A 473 2.23 20.96 -20.25
CA ASP A 473 3.16 20.83 -21.37
C ASP A 473 4.21 19.75 -21.08
N PHE A 474 4.74 19.75 -19.85
CA PHE A 474 5.76 18.78 -19.45
C PHE A 474 5.24 17.35 -19.43
N LEU A 475 4.07 17.17 -18.83
CA LEU A 475 3.37 15.88 -18.76
C LEU A 475 3.20 15.26 -20.15
N THR A 476 3.01 16.12 -21.15
CA THR A 476 2.77 15.69 -22.53
C THR A 476 4.08 15.47 -23.28
N ALA A 477 4.93 16.48 -23.31
CA ALA A 477 6.21 16.43 -24.03
C ALA A 477 7.16 15.33 -23.56
N TYR A 478 7.13 14.99 -22.28
CA TYR A 478 8.04 13.97 -21.72
C TYR A 478 7.36 12.67 -21.31
N GLU A 479 6.17 12.41 -21.84
CA GLU A 479 5.45 11.16 -21.59
C GLU A 479 6.27 9.91 -21.87
N ASN A 480 7.18 9.97 -22.84
CA ASN A 480 8.03 8.80 -23.14
C ASN A 480 9.12 8.52 -22.07
N LEU A 481 9.52 9.53 -21.31
CA LEU A 481 10.44 9.35 -20.16
C LEU A 481 9.71 9.17 -18.83
N LEU A 482 8.42 9.53 -18.78
CA LEU A 482 7.64 9.47 -17.55
C LEU A 482 6.82 8.20 -17.38
N ARG A 483 6.29 7.63 -18.46
CA ARG A 483 5.40 6.47 -18.32
C ARG A 483 5.35 5.63 -19.60
N ASP A 484 6.53 5.31 -20.14
CA ASP A 484 6.63 4.49 -21.33
C ASP A 484 7.85 3.56 -21.20
N GLY A 485 7.58 2.30 -20.86
CA GLY A 485 8.60 1.25 -20.90
C GLY A 485 9.64 1.31 -19.81
N LEU A 486 9.27 1.82 -18.65
CA LEU A 486 10.22 2.07 -17.57
C LEU A 486 10.17 0.97 -16.53
N LYS A 487 11.28 0.82 -15.82
CA LYS A 487 11.39 -0.10 -14.69
C LYS A 487 12.12 0.64 -13.58
N GLU A 488 11.88 0.22 -12.34
CA GLU A 488 12.63 0.76 -11.20
C GLU A 488 14.12 0.48 -11.38
N SER A 489 14.96 1.45 -11.03
CA SER A 489 16.40 1.27 -11.04
C SER A 489 16.90 1.06 -9.62
N ASP A 490 17.84 0.15 -9.50
CA ASP A 490 18.53 -0.13 -8.25
C ASP A 490 19.76 0.78 -8.04
N ASN A 491 20.17 1.51 -9.08
CA ASN A 491 21.38 2.31 -9.06
C ASN A 491 21.34 3.40 -8.00
N LYS A 492 22.41 3.48 -7.21
CA LYS A 492 22.51 4.40 -6.07
C LYS A 492 22.56 5.85 -6.55
N ILE A 493 21.82 6.71 -5.87
CA ILE A 493 21.86 8.16 -6.09
C ILE A 493 22.35 8.81 -4.82
N GLU A 494 23.28 9.75 -4.93
CA GLU A 494 23.66 10.63 -3.84
C GLU A 494 23.61 12.07 -4.31
N ILE A 495 23.29 12.99 -3.39
CA ILE A 495 23.35 14.43 -3.64
C ILE A 495 24.19 15.00 -2.49
N PRO A 496 25.53 15.04 -2.67
CA PRO A 496 26.42 15.44 -1.57
C PRO A 496 26.03 16.78 -0.93
N GLY A 497 25.93 16.79 0.40
CA GLY A 497 25.61 18.00 1.15
C GLY A 497 24.13 18.26 1.39
N ILE A 498 23.26 17.53 0.70
CA ILE A 498 21.82 17.77 0.73
C ILE A 498 21.13 16.50 1.22
N GLU A 499 20.17 16.65 2.13
CA GLU A 499 19.47 15.48 2.64
C GLU A 499 18.55 14.95 1.54
N ILE A 500 18.55 13.63 1.35
CA ILE A 500 17.72 12.99 0.34
C ILE A 500 16.88 11.86 0.93
N SER A 501 15.82 11.51 0.22
CA SER A 501 15.01 10.34 0.55
C SER A 501 14.48 9.73 -0.74
N ASN A 502 14.07 8.46 -0.64
CA ASN A 502 13.45 7.78 -1.77
C ASN A 502 11.92 7.76 -1.68
N ASN A 503 11.36 8.37 -0.63
CA ASN A 503 9.93 8.21 -0.32
C ASN A 503 9.23 9.51 0.11
N GLY A 504 9.76 10.67 -0.26
CA GLY A 504 9.06 11.92 -0.02
C GLY A 504 9.08 12.36 1.44
N SER A 505 10.18 12.07 2.13
CA SER A 505 10.31 12.46 3.53
C SER A 505 10.53 13.97 3.63
N ALA A 506 10.11 14.53 4.77
CA ALA A 506 10.21 15.95 5.06
C ALA A 506 11.67 16.39 5.08
N ARG A 507 11.92 17.63 4.66
CA ARG A 507 13.27 18.21 4.69
C ARG A 507 14.29 17.42 3.88
N THR A 508 13.89 16.97 2.69
CA THR A 508 14.79 16.24 1.79
C THR A 508 14.47 16.60 0.35
N VAL A 509 15.43 16.31 -0.53
CA VAL A 509 15.14 16.13 -1.93
C VAL A 509 14.72 14.68 -2.12
N TRP A 510 13.52 14.49 -2.66
CA TRP A 510 12.97 13.18 -3.00
C TRP A 510 13.55 12.80 -4.33
N THR A 511 14.30 11.71 -4.38
CA THR A 511 14.98 11.34 -5.59
C THR A 511 14.95 9.83 -5.78
N TYR A 512 14.78 9.44 -7.02
CA TYR A 512 14.81 8.05 -7.41
C TYR A 512 15.09 7.95 -8.89
N ALA A 513 15.43 6.75 -9.35
CA ALA A 513 15.82 6.54 -10.74
C ALA A 513 14.99 5.45 -11.39
N LYS A 514 14.82 5.56 -12.70
CA LYS A 514 14.20 4.53 -13.52
C LYS A 514 15.02 4.26 -14.75
N GLN A 515 14.81 3.09 -15.35
CA GLN A 515 15.54 2.66 -16.54
C GLN A 515 14.57 2.27 -17.65
N LYS A 516 14.91 2.65 -18.87
CA LYS A 516 14.22 2.12 -20.04
C LYS A 516 15.23 1.92 -21.15
N ASP A 517 14.78 1.34 -22.25
CA ASP A 517 15.63 1.19 -23.43
C ASP A 517 16.12 2.56 -23.88
N GLY A 518 17.43 2.76 -23.82
CA GLY A 518 18.06 3.98 -24.31
C GLY A 518 18.24 5.12 -23.32
N TYR A 519 17.62 5.03 -22.13
CA TYR A 519 17.72 6.13 -21.14
C TYR A 519 17.65 5.64 -19.70
N ASP A 520 18.40 6.30 -18.82
CA ASP A 520 18.12 6.25 -17.39
C ASP A 520 17.53 7.61 -17.03
N VAL A 521 16.62 7.61 -16.05
CA VAL A 521 15.92 8.85 -15.66
C VAL A 521 16.05 9.01 -14.16
N ILE A 522 16.44 10.20 -13.71
CA ILE A 522 16.53 10.53 -12.29
C ILE A 522 15.61 11.70 -11.99
N HIS A 523 14.69 11.52 -11.05
CA HIS A 523 13.84 12.62 -10.59
C HIS A 523 14.35 13.21 -9.29
N MET A 524 14.22 14.53 -9.16
CA MET A 524 14.48 15.25 -7.92
C MET A 524 13.27 16.14 -7.66
N ILE A 525 12.60 15.89 -6.54
CA ILE A 525 11.47 16.69 -6.11
C ILE A 525 11.86 17.36 -4.79
N ASN A 526 11.72 18.68 -4.77
CA ASN A 526 12.25 19.50 -3.69
C ASN A 526 11.31 19.63 -2.50
N LEU A 527 11.53 18.79 -1.48
CA LEU A 527 10.81 18.89 -0.21
C LEU A 527 11.67 19.47 0.92
N LEU A 528 12.72 20.22 0.56
CA LEU A 528 13.59 20.83 1.57
C LEU A 528 12.87 21.87 2.43
N GLY A 529 11.81 22.47 1.88
CA GLY A 529 10.98 23.42 2.62
C GLY A 529 9.82 22.80 3.38
N ILE A 530 9.65 21.49 3.30
CA ILE A 530 8.49 20.80 3.86
C ILE A 530 8.84 20.28 5.23
N GLU A 531 8.09 20.74 6.24
CA GLU A 531 8.26 20.29 7.61
C GLU A 531 7.54 18.97 7.87
N VAL A 532 6.40 18.78 7.22
CA VAL A 532 5.55 17.62 7.42
C VAL A 532 5.13 17.15 6.04
N SER A 533 5.37 15.87 5.73
CA SER A 533 5.18 15.33 4.38
C SER A 533 3.73 15.05 4.00
N ASN A 534 2.85 16.01 4.25
CA ASN A 534 1.47 15.92 3.88
C ASN A 534 1.30 16.59 2.51
N TRP A 535 0.91 15.84 1.48
CA TRP A 535 0.76 16.41 0.13
C TRP A 535 -0.45 17.36 0.02
N ARG A 536 -1.44 17.23 0.92
CA ARG A 536 -2.73 17.92 0.80
CA ARG A 536 -2.69 17.95 0.69
C ARG A 536 -2.62 19.43 1.03
N ASP A 537 -1.74 19.81 1.95
CA ASP A 537 -1.62 21.21 2.40
C ASP A 537 -3.01 21.69 2.82
N ASP A 538 -3.45 21.15 3.95
CA ASP A 538 -4.81 21.37 4.45
C ASP A 538 -5.16 22.83 4.72
N LEU A 539 -4.18 23.67 5.05
CA LEU A 539 -4.42 25.12 5.26
C LEU A 539 -4.15 25.98 4.04
N GLY A 540 -3.69 25.37 2.95
CA GLY A 540 -3.33 26.09 1.74
C GLY A 540 -2.24 27.12 1.95
N ASN A 541 -1.27 26.79 2.79
CA ASN A 541 -0.23 27.75 3.22
C ASN A 541 1.21 27.32 3.00
N TYR A 542 1.45 26.34 2.13
CA TYR A 542 2.82 25.94 1.82
C TYR A 542 3.52 27.09 1.10
N SER A 543 4.85 27.02 1.09
CA SER A 543 5.68 28.09 0.55
C SER A 543 6.56 27.58 -0.57
N ALA A 544 7.19 28.52 -1.27
CA ALA A 544 8.14 28.20 -2.31
C ALA A 544 9.28 27.37 -1.69
N PRO A 545 9.66 26.25 -2.34
CA PRO A 545 10.83 25.54 -1.87
C PRO A 545 12.11 26.42 -1.95
N PRO A 546 13.12 26.11 -1.11
CA PRO A 546 14.40 26.76 -1.31
C PRO A 546 14.95 26.40 -2.67
N ILE A 547 15.68 27.32 -3.28
CA ILE A 547 16.29 27.07 -4.59
C ILE A 547 17.74 26.66 -4.36
N ILE A 548 18.12 25.52 -4.93
CA ILE A 548 19.48 25.01 -4.87
C ILE A 548 20.10 25.14 -6.26
N LYS A 549 21.24 25.84 -6.34
CA LYS A 549 21.91 26.07 -7.61
C LYS A 549 23.32 25.52 -7.62
N ASP A 550 23.71 24.97 -8.78
CA ASP A 550 25.08 24.59 -9.05
C ASP A 550 25.56 23.51 -8.09
N PHE A 551 24.77 22.45 -7.98
CA PHE A 551 25.11 21.33 -7.08
C PHE A 551 25.45 20.10 -7.89
N LYS A 552 25.84 19.02 -7.20
CA LYS A 552 26.27 17.79 -7.85
C LYS A 552 25.33 16.67 -7.50
N VAL A 553 25.02 15.84 -8.49
CA VAL A 553 24.35 14.58 -8.27
C VAL A 553 25.32 13.45 -8.65
N LYS A 554 25.40 12.44 -7.80
CA LYS A 554 26.19 11.23 -8.09
C LYS A 554 25.26 10.07 -8.43
N TYR A 555 25.47 9.47 -9.60
CA TYR A 555 24.66 8.35 -10.05
C TYR A 555 25.58 7.16 -10.33
N TYR A 556 25.44 6.12 -9.51
CA TYR A 556 26.31 4.94 -9.58
C TYR A 556 25.79 3.95 -10.61
N LEU A 557 26.50 3.81 -11.72
CA LEU A 557 26.18 2.77 -12.71
C LEU A 557 27.44 1.99 -13.10
N GLU A 558 27.25 0.75 -13.52
CA GLU A 558 28.36 -0.11 -13.94
C GLU A 558 28.76 0.11 -15.40
N ASN A 559 27.79 0.39 -16.25
CA ASN A 559 28.01 0.44 -17.71
C ASN A 559 28.70 1.72 -18.16
N ASP A 560 29.68 1.58 -19.06
CA ASP A 560 30.39 2.71 -19.67
C ASP A 560 29.83 2.92 -21.09
N ASN A 561 28.54 3.23 -21.13
CA ASN A 561 27.77 3.30 -22.38
C ASN A 561 26.99 4.61 -22.52
N ILE A 562 27.52 5.68 -21.92
CA ILE A 562 26.79 6.95 -21.82
C ILE A 562 27.08 7.84 -23.02
N LYS A 563 26.03 8.31 -23.69
CA LYS A 563 26.16 9.26 -24.79
C LYS A 563 26.15 10.69 -24.27
N ASN A 564 25.16 11.04 -23.46
CA ASN A 564 25.13 12.36 -22.83
C ASN A 564 24.17 12.42 -21.67
N VAL A 565 24.20 13.54 -20.95
CA VAL A 565 23.32 13.77 -19.80
C VAL A 565 22.57 15.07 -19.98
N TYR A 566 21.26 15.02 -19.76
CA TYR A 566 20.37 16.14 -19.99
C TYR A 566 19.48 16.38 -18.78
N LEU A 567 18.91 17.57 -18.72
CA LEU A 567 17.89 17.89 -17.74
C LEU A 567 16.75 18.67 -18.36
N ALA A 568 15.54 18.33 -17.95
CA ALA A 568 14.37 19.15 -18.24
C ALA A 568 13.54 19.34 -16.98
N SER A 569 12.96 20.52 -16.85
CA SER A 569 12.10 20.87 -15.72
C SER A 569 10.98 21.78 -16.19
N PRO A 570 9.75 21.56 -15.70
CA PRO A 570 8.68 22.52 -16.01
C PRO A 570 8.90 23.90 -15.37
N ASP A 571 9.79 23.97 -14.38
CA ASP A 571 10.12 25.23 -13.69
C ASP A 571 11.17 26.06 -14.44
N ILE A 572 11.86 25.48 -15.43
CA ILE A 572 13.01 26.12 -16.07
C ILE A 572 12.75 26.15 -17.57
N ASN A 573 12.52 27.36 -18.10
CA ASN A 573 12.24 27.55 -19.54
C ASN A 573 11.16 26.60 -20.10
N ASP A 574 10.08 26.43 -19.33
CA ASP A 574 8.97 25.50 -19.67
C ASP A 574 9.43 24.20 -20.32
N GLY A 575 10.33 23.49 -19.64
CA GLY A 575 10.72 22.16 -20.06
C GLY A 575 11.81 22.06 -21.10
N LYS A 576 12.37 23.19 -21.56
CA LYS A 576 13.47 23.16 -22.53
C LYS A 576 14.63 22.29 -22.03
N VAL A 577 15.10 21.39 -22.87
CA VAL A 577 16.20 20.48 -22.50
C VAL A 577 17.50 21.28 -22.39
N MET A 578 18.26 20.98 -21.34
CA MET A 578 19.62 21.51 -21.18
C MET A 578 20.60 20.33 -21.11
N LYS A 579 21.68 20.41 -21.85
CA LYS A 579 22.76 19.43 -21.75
C LYS A 579 23.55 19.75 -20.48
N LEU A 580 23.83 18.73 -19.68
CA LEU A 580 24.57 18.91 -18.42
C LEU A 580 26.02 18.48 -18.56
N GLN A 581 26.90 19.17 -17.85
CA GLN A 581 28.29 18.72 -17.67
C GLN A 581 28.30 17.54 -16.71
N PHE A 582 29.11 16.53 -17.03
CA PHE A 582 29.31 15.41 -16.15
C PHE A 582 30.72 14.85 -16.27
N LYS A 583 31.11 14.09 -15.26
CA LYS A 583 32.39 13.39 -15.20
C LYS A 583 32.16 11.96 -14.77
N LYS A 584 32.97 11.05 -15.31
CA LYS A 584 32.99 9.67 -14.86
C LYS A 584 34.02 9.56 -13.76
N LYS A 585 33.59 9.11 -12.58
CA LYS A 585 34.45 9.00 -11.41
C LYS A 585 34.30 7.65 -10.76
N GLU A 586 35.10 7.42 -9.73
CA GLU A 586 35.01 6.22 -8.93
C GLU A 586 35.44 6.54 -7.51
N ASP A 587 34.72 5.99 -6.53
CA ASP A 587 35.10 6.13 -5.11
C ASP A 587 34.85 4.79 -4.39
N SER A 588 34.84 4.81 -3.05
CA SER A 588 34.70 3.59 -2.25
C SER A 588 33.37 2.84 -2.41
N LYS A 589 32.37 3.45 -3.04
CA LYS A 589 31.11 2.77 -3.37
C LYS A 589 31.00 2.31 -4.82
N GLY A 590 31.99 2.62 -5.66
CA GLY A 590 32.05 2.14 -7.04
C GLY A 590 32.14 3.27 -8.03
N LYS A 591 31.88 2.95 -9.30
CA LYS A 591 31.94 3.92 -10.39
C LYS A 591 30.63 4.72 -10.48
N TYR A 592 30.73 5.99 -10.81
CA TYR A 592 29.55 6.87 -10.90
C TYR A 592 29.75 8.00 -11.87
N LEU A 593 28.63 8.58 -12.31
CA LEU A 593 28.62 9.85 -13.00
C LEU A 593 28.46 10.97 -11.97
N GLU A 594 29.33 11.97 -12.01
CA GLU A 594 29.14 13.18 -11.22
C GLU A 594 28.51 14.20 -12.15
N ILE A 595 27.28 14.59 -11.85
CA ILE A 595 26.45 15.41 -12.74
C ILE A 595 26.28 16.80 -12.12
N SER A 596 26.57 17.84 -12.89
CA SER A 596 26.44 19.24 -12.45
C SER A 596 25.05 19.73 -12.79
N VAL A 597 24.29 20.12 -11.77
CA VAL A 597 22.90 20.57 -11.95
C VAL A 597 22.83 22.07 -11.68
N PRO A 598 22.45 22.86 -12.71
CA PRO A 598 22.33 24.31 -12.54
C PRO A 598 21.33 24.79 -11.50
N GLU A 599 20.16 24.16 -11.42
CA GLU A 599 19.10 24.67 -10.57
C GLU A 599 18.04 23.63 -10.25
N LEU A 600 17.60 23.60 -9.00
CA LEU A 600 16.39 22.87 -8.59
C LEU A 600 15.47 23.83 -7.82
N GLN A 601 14.24 23.95 -8.31
CA GLN A 601 13.17 24.69 -7.67
C GLN A 601 12.14 23.70 -7.09
N TYR A 602 11.30 23.12 -7.95
CA TYR A 602 10.27 22.17 -7.51
C TYR A 602 10.64 20.76 -7.94
N TRP A 603 10.93 20.58 -9.23
CA TRP A 603 11.08 19.26 -9.82
C TRP A 603 11.99 19.31 -11.04
N ASP A 604 13.08 18.56 -11.00
CA ASP A 604 13.99 18.38 -12.13
C ASP A 604 13.94 16.93 -12.57
N MET A 605 13.97 16.68 -13.88
CA MET A 605 14.15 15.36 -14.44
C MET A 605 15.48 15.33 -15.18
N ILE A 606 16.43 14.59 -14.64
CA ILE A 606 17.69 14.30 -15.36
C ILE A 606 17.47 13.06 -16.20
N PHE A 607 17.92 13.10 -17.45
CA PHE A 607 17.89 11.90 -18.27
C PHE A 607 19.22 11.66 -18.97
N ILE A 608 19.67 10.41 -18.87
CA ILE A 608 20.98 10.00 -19.32
C ILE A 608 20.77 9.14 -20.53
N LYS A 609 21.23 9.61 -21.68
CA LYS A 609 21.07 8.89 -22.94
C LYS A 609 22.19 7.87 -23.09
N LYS A 610 21.81 6.64 -23.41
CA LYS A 610 22.76 5.54 -23.63
C LYS A 610 23.18 5.49 -25.10
N LEU A 611 24.34 4.89 -25.38
CA LEU A 611 24.88 4.79 -26.74
C LEU A 611 24.07 3.80 -27.60
N SER B 28 24.43 -45.38 10.32
CA SER B 28 23.10 -44.70 10.38
C SER B 28 21.97 -45.70 10.68
N PHE B 29 20.71 -45.23 10.62
CA PHE B 29 19.53 -46.09 10.83
C PHE B 29 18.49 -45.90 9.73
N LYS B 30 17.56 -46.85 9.64
CA LYS B 30 16.57 -46.90 8.58
C LYS B 30 15.35 -46.02 8.94
N ASP B 31 15.37 -44.79 8.42
CA ASP B 31 14.33 -43.78 8.67
C ASP B 31 13.34 -43.76 7.51
N ASP B 32 12.30 -44.58 7.62
CA ASP B 32 11.23 -44.62 6.62
C ASP B 32 10.01 -43.90 7.19
N ASN B 33 9.34 -43.10 6.35
CA ASN B 33 8.12 -42.39 6.75
C ASN B 33 6.95 -43.35 6.92
N ASN B 34 6.95 -44.41 6.10
CA ASN B 34 6.00 -45.52 6.20
C ASN B 34 5.96 -46.16 7.60
N ILE B 35 7.12 -46.59 8.09
CA ILE B 35 7.23 -47.29 9.39
C ILE B 35 7.03 -46.36 10.60
N VAL B 36 7.57 -45.15 10.53
CA VAL B 36 7.38 -44.15 11.59
C VAL B 36 5.89 -43.76 11.70
N ALA B 37 5.19 -43.69 10.56
CA ALA B 37 3.76 -43.35 10.52
C ALA B 37 2.83 -44.37 11.19
N LEU B 38 3.27 -45.62 11.35
CA LEU B 38 2.46 -46.64 12.06
C LEU B 38 2.42 -46.36 13.56
N THR B 39 3.59 -46.05 14.13
CA THR B 39 3.73 -45.79 15.57
C THR B 39 4.11 -44.33 15.89
N LYS B 40 3.79 -43.41 14.98
CA LYS B 40 4.02 -41.97 15.17
C LYS B 40 3.26 -41.48 16.39
N GLY B 41 3.97 -40.79 17.28
CA GLY B 41 3.39 -40.28 18.52
C GLY B 41 3.15 -41.29 19.63
N LYS B 42 3.48 -42.56 19.40
CA LYS B 42 3.24 -43.59 20.42
C LYS B 42 4.41 -43.85 21.38
N LEU B 43 5.51 -43.10 21.23
CA LEU B 43 6.62 -43.13 22.21
C LEU B 43 7.07 -41.73 22.62
N ILE B 44 7.42 -40.90 21.64
CA ILE B 44 7.80 -39.51 21.91
C ILE B 44 6.52 -38.67 22.02
N SER B 45 6.23 -38.18 23.21
CA SER B 45 5.03 -37.40 23.48
C SER B 45 5.24 -35.92 23.16
N ASP B 46 6.39 -35.38 23.52
CA ASP B 46 6.73 -34.00 23.17
C ASP B 46 8.22 -33.76 23.20
N VAL B 47 8.65 -32.75 22.43
CA VAL B 47 10.03 -32.29 22.40
C VAL B 47 9.98 -30.78 22.42
N TYR B 48 10.71 -30.15 23.34
CA TYR B 48 10.74 -28.70 23.44
C TYR B 48 12.02 -28.27 24.14
N THR B 49 12.15 -26.98 24.46
CA THR B 49 13.38 -26.49 25.08
C THR B 49 13.06 -25.62 26.30
N ASP B 50 14.10 -25.24 27.04
CA ASP B 50 13.91 -24.51 28.31
C ASP B 50 13.63 -23.01 28.14
N LYS B 51 14.09 -22.42 27.03
CA LYS B 51 13.93 -20.98 26.78
C LYS B 51 13.43 -20.71 25.37
N ALA B 52 12.92 -19.49 25.16
CA ALA B 52 12.36 -19.07 23.88
C ALA B 52 13.41 -18.60 22.88
N ARG B 53 14.54 -18.14 23.41
CA ARG B 53 15.60 -17.55 22.63
C ARG B 53 16.89 -17.71 23.44
N TYR B 54 18.00 -17.95 22.76
CA TYR B 54 19.28 -18.18 23.42
C TYR B 54 20.33 -17.19 22.94
N TYR B 55 21.23 -16.79 23.84
CA TYR B 55 22.39 -15.99 23.47
C TYR B 55 23.44 -16.92 22.88
N PRO B 56 24.30 -16.40 22.00
CA PRO B 56 25.37 -17.24 21.46
C PRO B 56 26.17 -17.94 22.58
N SER B 57 26.45 -19.23 22.38
CA SER B 57 27.17 -20.07 23.35
C SER B 57 26.42 -20.42 24.64
N ASP B 58 25.14 -20.08 24.75
CA ASP B 58 24.30 -20.57 25.87
C ASP B 58 24.16 -22.09 25.82
N LYS B 59 23.99 -22.69 26.98
CA LYS B 59 23.56 -24.07 27.09
C LYS B 59 22.08 -24.14 26.76
N VAL B 60 21.73 -24.97 25.77
CA VAL B 60 20.34 -25.22 25.42
C VAL B 60 19.95 -26.55 26.05
N THR B 61 18.81 -26.57 26.75
CA THR B 61 18.28 -27.81 27.30
C THR B 61 17.10 -28.25 26.43
N VAL B 62 17.29 -29.38 25.74
CA VAL B 62 16.25 -30.00 24.96
C VAL B 62 15.53 -30.99 25.88
N LYS B 63 14.23 -30.83 26.01
CA LYS B 63 13.41 -31.68 26.89
C LYS B 63 12.59 -32.65 26.04
N ILE B 64 12.70 -33.94 26.33
CA ILE B 64 12.04 -34.98 25.55
C ILE B 64 11.13 -35.72 26.51
N GLU B 65 9.81 -35.61 26.29
CA GLU B 65 8.83 -36.32 27.10
C GLU B 65 8.46 -37.60 26.37
N LEU B 66 8.71 -38.72 27.03
CA LEU B 66 8.35 -40.04 26.53
C LEU B 66 7.12 -40.56 27.23
N ASN B 67 6.29 -41.27 26.48
CA ASN B 67 5.10 -41.93 26.99
C ASN B 67 4.90 -43.16 26.14
N ASN B 68 5.26 -44.32 26.70
CA ASN B 68 5.23 -45.56 25.93
C ASN B 68 3.79 -46.06 25.76
N GLU B 69 3.23 -45.74 24.60
CA GLU B 69 1.91 -46.22 24.18
C GLU B 69 2.03 -47.33 23.12
N LEU B 70 3.21 -47.98 23.02
CA LEU B 70 3.46 -49.05 22.04
C LEU B 70 2.87 -50.42 22.42
N GLN B 71 2.32 -50.55 23.64
CA GLN B 71 1.80 -51.82 24.16
C GLN B 71 2.88 -52.93 24.23
N GLU B 72 4.12 -52.51 24.48
CA GLU B 72 5.25 -53.39 24.71
C GLU B 72 6.36 -52.53 25.33
N ASP B 73 7.27 -53.17 26.07
CA ASP B 73 8.43 -52.47 26.62
C ASP B 73 9.36 -52.07 25.48
N PHE B 74 10.03 -50.93 25.64
CA PHE B 74 10.97 -50.42 24.66
C PHE B 74 12.34 -50.41 25.29
N ARG B 75 13.31 -50.99 24.60
CA ARG B 75 14.71 -50.87 24.96
C ARG B 75 15.44 -50.48 23.68
N GLY B 76 15.73 -49.19 23.55
CA GLY B 76 16.36 -48.69 22.33
C GLY B 76 17.11 -47.41 22.58
N THR B 77 17.24 -46.62 21.51
CA THR B 77 18.07 -45.44 21.50
C THR B 77 17.25 -44.25 21.00
N ILE B 78 17.42 -43.11 21.66
CA ILE B 78 16.92 -41.83 21.18
C ILE B 78 18.09 -41.13 20.51
N TYR B 79 17.93 -40.78 19.23
CA TYR B 79 18.90 -39.96 18.51
C TYR B 79 18.41 -38.52 18.40
N ILE B 80 19.33 -37.57 18.52
CA ILE B 80 19.04 -36.15 18.40
C ILE B 80 19.99 -35.57 17.35
N PHE B 81 19.43 -34.84 16.37
CA PHE B 81 20.23 -34.16 15.35
C PHE B 81 19.93 -32.67 15.42
N TYR B 82 20.99 -31.87 15.41
CA TYR B 82 20.88 -30.43 15.39
C TYR B 82 21.23 -29.98 13.99
N LYS B 83 20.29 -29.30 13.33
CA LYS B 83 20.41 -28.92 11.93
C LYS B 83 20.37 -27.41 11.78
N HIS B 84 21.21 -26.87 10.90
CA HIS B 84 21.07 -25.50 10.43
C HIS B 84 20.78 -25.57 8.94
N LEU B 85 19.54 -25.30 8.58
CA LEU B 85 19.06 -25.45 7.21
C LEU B 85 19.35 -26.89 6.74
N GLU B 86 20.04 -27.08 5.61
CA GLU B 86 20.36 -28.42 5.14
C GLU B 86 21.46 -29.17 5.90
N SER B 87 22.19 -28.49 6.78
CA SER B 87 23.40 -29.05 7.38
C SER B 87 23.20 -29.59 8.78
N ILE B 88 23.81 -30.74 9.06
CA ILE B 88 23.90 -31.27 10.42
C ILE B 88 25.04 -30.53 11.13
N VAL B 89 24.74 -29.88 12.24
CA VAL B 89 25.76 -29.17 13.03
C VAL B 89 26.08 -29.85 14.37
N GLY B 90 25.31 -30.87 14.73
CA GLY B 90 25.54 -31.62 15.94
C GLY B 90 24.68 -32.87 15.98
N LYS B 91 25.07 -33.82 16.82
CA LYS B 91 24.26 -35.00 17.05
C LYS B 91 24.53 -35.55 18.44
N ALA B 92 23.55 -36.24 19.00
CA ALA B 92 23.70 -36.90 20.29
C ALA B 92 22.81 -38.12 20.33
N LYS B 93 23.07 -39.00 21.29
CA LYS B 93 22.20 -40.14 21.51
C LYS B 93 22.16 -40.55 22.98
N ILE B 94 21.08 -41.22 23.35
CA ILE B 94 20.89 -41.72 24.72
C ILE B 94 20.10 -43.03 24.63
N GLN B 95 20.62 -44.08 25.26
CA GLN B 95 19.90 -45.34 25.35
C GLN B 95 18.83 -45.22 26.42
N VAL B 96 17.64 -45.76 26.13
CA VAL B 96 16.51 -45.66 27.02
C VAL B 96 15.78 -47.00 27.12
N ASN B 97 15.52 -47.42 28.35
CA ASN B 97 14.56 -48.48 28.64
C ASN B 97 13.32 -47.82 29.22
N ILE B 98 12.16 -48.11 28.64
CA ILE B 98 10.89 -47.54 29.13
C ILE B 98 9.79 -48.58 28.94
N LYS B 99 9.13 -48.94 30.05
CA LYS B 99 8.12 -49.98 30.04
C LYS B 99 6.82 -49.48 29.40
N SER B 100 6.00 -50.42 28.93
CA SER B 100 4.67 -50.13 28.41
C SER B 100 3.86 -49.32 29.43
N GLY B 101 3.28 -48.20 28.99
CA GLY B 101 2.52 -47.34 29.88
C GLY B 101 3.32 -46.37 30.76
N GLN B 102 4.64 -46.43 30.72
CA GLN B 102 5.49 -45.58 31.54
C GLN B 102 5.73 -44.23 30.84
N LYS B 103 5.80 -43.17 31.63
CA LYS B 103 6.21 -41.83 31.17
C LYS B 103 7.55 -41.44 31.79
N LYS B 104 8.43 -40.85 30.97
CA LYS B 104 9.71 -40.30 31.44
C LYS B 104 10.07 -39.03 30.70
N GLN B 105 10.78 -38.12 31.36
CA GLN B 105 11.35 -36.94 30.70
C GLN B 105 12.87 -37.04 30.63
N LEU B 106 13.43 -36.84 29.45
CA LEU B 106 14.89 -36.77 29.25
C LEU B 106 15.32 -35.33 29.02
N ASN B 107 16.44 -34.92 29.62
CA ASN B 107 17.02 -33.61 29.39
C ASN B 107 18.38 -33.76 28.73
N ILE B 108 18.52 -33.14 27.55
CA ILE B 108 19.71 -33.24 26.72
C ILE B 108 20.28 -31.82 26.59
N PHE B 109 21.58 -31.66 26.73
CA PHE B 109 22.21 -30.34 26.70
C PHE B 109 22.99 -30.14 25.41
N TRP B 110 22.83 -28.98 24.81
CA TRP B 110 23.53 -28.61 23.59
C TRP B 110 24.10 -27.22 23.75
N GLU B 111 25.36 -27.02 23.36
CA GLU B 111 25.93 -25.68 23.36
C GLU B 111 25.51 -24.99 22.07
N ALA B 112 24.84 -23.85 22.20
CA ALA B 112 24.46 -23.04 21.03
C ALA B 112 25.73 -22.56 20.33
N PRO B 113 25.80 -22.65 18.98
CA PRO B 113 26.98 -22.11 18.29
C PRO B 113 27.14 -20.59 18.47
N LYS B 114 28.34 -20.11 18.19
CA LYS B 114 28.73 -18.71 18.43
C LYS B 114 28.01 -17.66 17.58
N ASP B 115 27.45 -18.08 16.44
CA ASP B 115 26.94 -17.10 15.47
C ASP B 115 25.60 -16.56 15.92
N ASP B 116 25.47 -15.24 15.95
CA ASP B 116 24.26 -14.60 16.43
C ASP B 116 23.19 -14.62 15.33
N PHE B 117 21.92 -14.62 15.76
CA PHE B 117 20.76 -14.52 14.86
C PHE B 117 20.68 -15.71 13.90
N LYS B 118 20.67 -16.90 14.47
CA LYS B 118 20.61 -18.16 13.71
C LYS B 118 19.53 -19.08 14.25
N GLY B 119 18.81 -19.72 13.33
CA GLY B 119 17.76 -20.68 13.63
C GLY B 119 18.20 -22.09 13.31
N TYR B 120 17.72 -23.03 14.12
CA TYR B 120 18.08 -24.44 14.03
C TYR B 120 16.86 -25.33 14.20
N LEU B 121 16.84 -26.47 13.48
CA LEU B 121 15.85 -27.51 13.68
C LEU B 121 16.48 -28.63 14.53
N VAL B 122 15.73 -29.13 15.49
CA VAL B 122 16.18 -30.24 16.32
C VAL B 122 15.30 -31.42 15.98
N GLU B 123 15.89 -32.49 15.46
CA GLU B 123 15.14 -33.69 15.09
C GLU B 123 15.41 -34.81 16.08
N VAL B 124 14.35 -35.36 16.67
CA VAL B 124 14.47 -36.46 17.65
C VAL B 124 13.87 -37.72 17.06
N TYR B 125 14.59 -38.83 17.14
CA TYR B 125 14.11 -40.14 16.66
C TYR B 125 14.22 -41.19 17.77
N ALA B 126 13.22 -42.05 17.86
CA ALA B 126 13.30 -43.24 18.71
C ALA B 126 13.57 -44.41 17.79
N VAL B 127 14.65 -45.14 18.04
CA VAL B 127 15.11 -46.24 17.18
C VAL B 127 15.14 -47.55 17.96
N LYS B 128 14.53 -48.59 17.39
CA LYS B 128 14.64 -49.95 17.92
C LYS B 128 15.24 -50.81 16.82
N GLY B 129 16.25 -51.60 17.20
CA GLY B 129 17.03 -52.36 16.24
C GLY B 129 17.77 -51.38 15.37
N ASN B 130 17.51 -51.44 14.07
CA ASN B 130 18.06 -50.47 13.13
C ASN B 130 16.95 -49.70 12.41
N LYS B 131 15.78 -49.56 13.04
CA LYS B 131 14.67 -48.83 12.43
C LYS B 131 14.07 -47.76 13.36
N ALA B 132 13.80 -46.59 12.78
CA ALA B 132 13.15 -45.50 13.49
C ALA B 132 11.67 -45.86 13.64
N ILE B 133 11.17 -45.78 14.87
CA ILE B 133 9.75 -46.04 15.15
C ILE B 133 8.95 -44.81 15.60
N ASP B 134 9.63 -43.70 15.87
CA ASP B 134 8.94 -42.45 16.17
C ASP B 134 9.89 -41.27 15.92
N ASN B 135 9.30 -40.09 15.73
CA ASN B 135 10.03 -38.87 15.45
C ASN B 135 9.22 -37.66 15.85
N LYS B 136 9.88 -36.68 16.46
CA LYS B 136 9.29 -35.38 16.73
C LYS B 136 10.42 -34.36 16.72
N ASN B 137 10.12 -33.16 16.24
CA ASN B 137 11.11 -32.11 16.12
C ASN B 137 10.76 -30.92 17.00
N THR B 138 11.76 -30.08 17.27
CA THR B 138 11.53 -28.75 17.80
C THR B 138 12.50 -27.81 17.09
N ALA B 139 12.58 -26.57 17.56
CA ALA B 139 13.50 -25.59 16.98
C ALA B 139 14.22 -24.81 18.06
N VAL B 140 15.36 -24.22 17.68
CA VAL B 140 16.14 -23.35 18.54
C VAL B 140 16.48 -22.05 17.79
N ASP B 141 16.27 -20.92 18.47
CA ASP B 141 16.65 -19.60 17.97
C ASP B 141 17.80 -19.01 18.82
N VAL B 142 18.97 -18.85 18.21
CA VAL B 142 20.07 -18.12 18.84
C VAL B 142 20.03 -16.68 18.36
N SER B 143 19.53 -15.78 19.22
CA SER B 143 19.38 -14.36 18.96
C SER B 143 19.64 -13.60 20.25
N SER B 144 20.53 -12.62 20.20
CA SER B 144 20.83 -11.77 21.36
C SER B 144 19.74 -10.71 21.62
N ASP B 145 18.81 -10.54 20.69
CA ASP B 145 17.73 -9.54 20.79
C ASP B 145 16.50 -10.07 20.05
N TRP B 146 15.31 -9.88 20.61
CA TRP B 146 14.06 -10.32 19.93
C TRP B 146 13.69 -9.53 18.67
N SER B 147 14.35 -8.39 18.43
CA SER B 147 13.86 -7.44 17.43
C SER B 147 14.05 -7.90 15.98
N LYS B 148 15.03 -8.76 15.73
CA LYS B 148 15.28 -9.24 14.36
C LYS B 148 14.22 -10.25 13.92
N PHE B 149 13.88 -11.18 14.80
CA PHE B 149 12.96 -12.27 14.51
C PHE B 149 11.87 -12.30 15.59
N PRO B 150 11.02 -11.25 15.65
CA PRO B 150 9.95 -11.27 16.65
C PRO B 150 8.95 -12.41 16.46
N ARG B 151 8.58 -13.03 17.57
CA ARG B 151 7.59 -14.10 17.62
C ARG B 151 6.69 -13.74 18.81
N TYR B 152 5.74 -12.86 18.52
CA TYR B 152 4.95 -12.14 19.50
C TYR B 152 3.70 -12.93 19.82
N GLY B 153 3.40 -13.05 21.12
CA GLY B 153 2.15 -13.62 21.62
C GLY B 153 1.56 -12.71 22.68
N TYR B 154 0.60 -13.22 23.44
CA TYR B 154 -0.13 -12.39 24.40
C TYR B 154 -0.48 -13.13 25.70
N ILE B 155 -0.69 -12.36 26.76
CA ILE B 155 -1.41 -12.82 27.96
C ILE B 155 -2.50 -11.79 28.19
N ALA B 156 -3.74 -12.24 28.22
CA ALA B 156 -4.91 -11.38 28.37
C ALA B 156 -5.63 -11.51 29.71
N ASN B 157 -5.34 -12.58 30.49
CA ASN B 157 -6.01 -12.83 31.78
C ASN B 157 -5.06 -12.74 32.97
N PHE B 158 -5.49 -12.04 34.02
CA PHE B 158 -4.67 -11.87 35.22
C PHE B 158 -5.47 -12.11 36.51
N PRO B 159 -6.10 -13.30 36.61
CA PRO B 159 -6.83 -13.63 37.83
C PRO B 159 -5.89 -14.00 38.96
N GLU B 160 -6.43 -14.10 40.17
CA GLU B 160 -5.68 -14.63 41.29
C GLU B 160 -5.32 -16.07 40.99
N GLN B 161 -4.04 -16.39 40.98
CA GLN B 161 -3.61 -17.77 40.73
C GLN B 161 -2.21 -17.99 41.24
N SER B 162 -1.89 -19.25 41.53
CA SER B 162 -0.60 -19.62 42.06
C SER B 162 0.47 -19.39 41.01
N LYS B 163 1.69 -19.16 41.48
CA LYS B 163 2.85 -19.05 40.59
C LYS B 163 3.05 -20.35 39.80
N GLU B 164 2.67 -21.48 40.40
CA GLU B 164 2.78 -22.79 39.76
C GLU B 164 1.85 -22.88 38.54
N LYS B 165 0.63 -22.38 38.67
CA LYS B 165 -0.28 -22.33 37.52
C LYS B 165 0.25 -21.37 36.45
N SER B 166 0.73 -20.20 36.87
CA SER B 166 1.34 -19.23 35.93
C SER B 166 2.51 -19.86 35.18
N ALA B 167 3.33 -20.63 35.90
CA ALA B 167 4.44 -21.34 35.30
C ALA B 167 4.00 -22.34 34.22
N LEU B 168 2.91 -23.06 34.46
CA LEU B 168 2.39 -24.01 33.44
C LEU B 168 1.94 -23.31 32.17
N ILE B 169 1.31 -22.16 32.33
CA ILE B 169 0.85 -21.35 31.19
C ILE B 169 2.04 -20.84 30.38
N ILE B 170 3.06 -20.33 31.07
CA ILE B 170 4.30 -19.90 30.42
C ILE B 170 5.03 -21.07 29.75
N GLU B 171 5.05 -22.25 30.38
CA GLU B 171 5.62 -23.44 29.72
C GLU B 171 4.88 -23.76 28.41
N ASP B 172 3.55 -23.69 28.45
CA ASP B 172 2.71 -23.92 27.27
C ASP B 172 3.07 -22.95 26.11
N LEU B 173 3.24 -21.67 26.43
CA LEU B 173 3.57 -20.67 25.41
C LEU B 173 4.99 -20.81 24.88
N ASN B 174 5.91 -21.22 25.76
CA ASN B 174 7.28 -21.45 25.38
C ASN B 174 7.47 -22.58 24.37
N LYS B 175 6.53 -23.52 24.32
CA LYS B 175 6.57 -24.60 23.32
C LYS B 175 6.65 -24.03 21.89
N TYR B 176 6.00 -22.88 21.69
CA TYR B 176 5.93 -22.20 20.39
C TYR B 176 7.08 -21.23 20.14
N HIS B 177 8.03 -21.15 21.08
CA HIS B 177 9.20 -20.27 20.99
C HIS B 177 8.85 -18.78 20.96
N LEU B 178 7.71 -18.42 21.55
CA LEU B 178 7.28 -17.03 21.61
C LEU B 178 8.33 -16.24 22.41
N ASN B 179 8.94 -15.23 21.77
CA ASN B 179 10.03 -14.45 22.39
C ASN B 179 9.55 -13.10 22.94
N GLY B 180 8.26 -12.83 22.83
CA GLY B 180 7.66 -11.70 23.46
C GLY B 180 6.19 -11.92 23.73
N LEU B 181 5.72 -11.33 24.83
CA LEU B 181 4.32 -11.44 25.25
C LEU B 181 3.75 -10.07 25.56
N LEU B 182 2.66 -9.75 24.86
CA LEU B 182 1.89 -8.54 25.11
C LEU B 182 0.87 -8.78 26.24
N PHE B 183 1.01 -8.03 27.32
CA PHE B 183 0.07 -8.12 28.44
C PHE B 183 -1.08 -7.17 28.12
N TYR B 184 -2.22 -7.73 27.70
CA TYR B 184 -3.32 -6.94 27.17
C TYR B 184 -4.36 -6.70 28.27
N ASP B 185 -4.70 -5.43 28.47
CA ASP B 185 -5.64 -4.99 29.50
C ASP B 185 -5.26 -5.46 30.91
N TRP B 186 -3.96 -5.33 31.22
CA TRP B 186 -3.45 -5.53 32.58
C TRP B 186 -3.60 -4.24 33.40
N GLN B 187 -3.57 -3.08 32.74
CA GLN B 187 -3.41 -1.80 33.45
C GLN B 187 -4.66 -1.34 34.19
N TYR B 188 -4.50 -0.32 35.02
CA TYR B 188 -5.62 0.25 35.80
C TYR B 188 -6.49 1.19 34.97
N LYS B 189 -5.93 2.32 34.55
CA LYS B 189 -6.60 3.26 33.64
C LYS B 189 -5.64 3.63 32.52
N HIS B 190 -6.18 3.98 31.35
CA HIS B 190 -5.36 4.39 30.19
C HIS B 190 -4.53 5.67 30.49
N ASN B 191 -5.10 6.59 31.28
CA ASN B 191 -4.39 7.79 31.73
C ASN B 191 -3.69 7.63 33.09
N LYS B 192 -3.79 6.46 33.71
CA LYS B 192 -3.16 6.17 35.01
C LYS B 192 -2.97 4.65 35.16
N PRO B 193 -1.94 4.09 34.51
CA PRO B 193 -1.79 2.62 34.47
C PRO B 193 -1.53 1.96 35.81
N LEU B 194 -0.83 2.64 36.72
CA LEU B 194 -0.53 2.10 38.05
C LEU B 194 -1.71 2.37 39.01
N ALA B 195 -2.24 1.30 39.59
CA ALA B 195 -3.17 1.42 40.70
C ALA B 195 -2.36 1.55 42.00
N GLY B 196 -2.62 2.59 42.77
CA GLY B 196 -1.87 2.89 44.00
C GLY B 196 -0.71 3.82 43.73
N THR B 197 0.36 3.66 44.50
CA THR B 197 1.57 4.47 44.35
C THR B 197 2.76 3.54 44.12
N VAL B 198 3.88 4.08 43.67
CA VAL B 198 5.10 3.27 43.45
C VAL B 198 5.55 2.60 44.75
N GLU B 199 5.43 3.30 45.87
CA GLU B 199 5.89 2.80 47.17
C GLU B 199 4.87 1.86 47.81
N ASN B 200 3.60 2.04 47.46
CA ASN B 200 2.51 1.20 47.93
C ASN B 200 1.54 0.86 46.79
N PRO B 201 1.95 -0.04 45.88
CA PRO B 201 1.05 -0.40 44.76
C PRO B 201 -0.13 -1.25 45.21
N ASP B 202 -1.32 -1.04 44.63
CA ASP B 202 -2.50 -1.86 44.99
C ASP B 202 -2.28 -3.31 44.53
N PRO B 203 -2.75 -4.29 45.33
CA PRO B 203 -2.62 -5.71 44.94
C PRO B 203 -3.63 -6.16 43.89
N LYS B 204 -4.76 -5.48 43.81
CA LYS B 204 -5.76 -5.76 42.78
C LYS B 204 -6.48 -4.49 42.36
N TRP B 205 -6.99 -4.51 41.13
CA TRP B 205 -7.70 -3.35 40.60
C TRP B 205 -8.63 -3.78 39.48
N LYS B 206 -9.46 -2.85 39.02
CA LYS B 206 -10.30 -3.05 37.86
C LYS B 206 -9.58 -2.60 36.60
N ASP B 207 -9.65 -3.40 35.54
CA ASP B 207 -9.16 -2.99 34.22
C ASP B 207 -10.24 -2.23 33.47
N ILE B 208 -9.94 -1.89 32.21
CA ILE B 208 -10.88 -1.19 31.34
C ILE B 208 -12.29 -1.80 31.29
N ALA B 209 -12.37 -3.13 31.31
CA ALA B 209 -13.65 -3.84 31.22
C ALA B 209 -14.25 -4.25 32.57
N ASN B 210 -13.80 -3.60 33.66
CA ASN B 210 -14.19 -4.00 35.03
C ASN B 210 -13.91 -5.47 35.40
N ARG B 211 -12.83 -6.02 34.85
CA ARG B 211 -12.31 -7.31 35.28
C ARG B 211 -11.35 -7.05 36.44
N ASP B 212 -11.23 -8.03 37.32
CA ASP B 212 -10.26 -7.97 38.41
C ASP B 212 -8.90 -8.40 37.91
N ILE B 213 -7.92 -7.51 38.06
CA ILE B 213 -6.53 -7.79 37.77
C ILE B 213 -5.79 -7.92 39.09
N TYR B 214 -4.98 -8.96 39.21
CA TYR B 214 -4.15 -9.20 40.39
C TYR B 214 -2.68 -8.93 40.08
N GLY B 215 -2.11 -7.95 40.78
CA GLY B 215 -0.73 -7.53 40.58
C GLY B 215 0.31 -8.62 40.73
N GLN B 216 0.07 -9.56 41.65
CA GLN B 216 1.01 -10.66 41.86
C GLN B 216 1.08 -11.60 40.66
N THR B 217 -0.06 -11.79 39.99
CA THR B 217 -0.10 -12.60 38.76
C THR B 217 0.68 -11.92 37.64
N VAL B 218 0.51 -10.60 37.51
CA VAL B 218 1.29 -9.79 36.54
C VAL B 218 2.78 -9.98 36.83
N LYS B 219 3.18 -9.82 38.10
CA LYS B 219 4.59 -9.99 38.49
C LYS B 219 5.12 -11.39 38.27
N ASP B 220 4.32 -12.40 38.60
CA ASP B 220 4.74 -13.79 38.42
C ASP B 220 4.99 -14.08 36.93
N TYR B 221 4.05 -13.68 36.08
CA TYR B 221 4.24 -13.86 34.63
C TYR B 221 5.49 -13.17 34.11
N ILE B 222 5.77 -11.97 34.61
CA ILE B 222 6.96 -11.22 34.19
C ILE B 222 8.25 -11.96 34.57
N GLU B 223 8.32 -12.40 35.83
CA GLU B 223 9.46 -13.18 36.30
C GLU B 223 9.63 -14.48 35.50
N LEU B 224 8.54 -15.21 35.30
CA LEU B 224 8.58 -16.48 34.58
C LEU B 224 8.97 -16.29 33.12
N ALA B 225 8.39 -15.28 32.48
CA ALA B 225 8.76 -14.91 31.11
C ALA B 225 10.25 -14.62 30.99
N HIS B 226 10.76 -13.76 31.87
CA HIS B 226 12.18 -13.41 31.87
C HIS B 226 13.11 -14.60 32.05
N SER B 227 12.70 -15.58 32.86
CA SER B 227 13.49 -16.79 33.06
C SER B 227 13.68 -17.61 31.76
N LYS B 228 12.77 -17.41 30.80
CA LYS B 228 12.88 -18.03 29.48
C LYS B 228 13.33 -17.07 28.36
N ASN B 229 13.93 -15.94 28.74
CA ASN B 229 14.38 -14.89 27.80
C ASN B 229 13.24 -14.33 26.92
N ILE B 230 12.04 -14.22 27.49
CA ILE B 230 10.89 -13.68 26.80
C ILE B 230 10.72 -12.21 27.21
N MET B 231 10.56 -11.33 26.23
CA MET B 231 10.26 -9.92 26.49
C MET B 231 8.80 -9.78 26.90
N VAL B 232 8.52 -8.84 27.80
CA VAL B 232 7.14 -8.59 28.21
CA VAL B 232 7.16 -8.58 28.26
C VAL B 232 6.76 -7.14 27.91
N ALA B 233 5.59 -7.00 27.26
CA ALA B 233 5.13 -5.71 26.76
C ALA B 233 3.90 -5.23 27.50
N ASN B 234 3.93 -3.96 27.87
CA ASN B 234 2.86 -3.28 28.55
C ASN B 234 1.98 -2.60 27.52
N TYR B 235 0.73 -3.06 27.42
CA TYR B 235 -0.28 -2.47 26.54
C TYR B 235 -0.85 -1.16 27.09
N ASN B 236 -0.82 -0.10 26.28
CA ASN B 236 -1.69 1.08 26.49
C ASN B 236 -1.89 1.82 25.19
N LEU B 237 -2.99 2.57 25.09
CA LEU B 237 -3.18 3.51 23.99
C LEU B 237 -2.17 4.65 24.12
N MET B 238 -1.89 5.26 22.97
CA MET B 238 -1.04 6.45 22.87
C MET B 238 -1.65 7.67 23.55
N TYR B 239 -2.98 7.74 23.55
CA TYR B 239 -3.68 9.02 23.68
C TYR B 239 -5.04 8.93 24.35
N GLY B 240 -5.18 8.02 25.31
CA GLY B 240 -6.49 7.70 25.89
C GLY B 240 -6.63 8.11 27.35
N GLY B 241 -7.82 8.62 27.70
CA GLY B 241 -8.16 8.90 29.09
C GLY B 241 -9.60 8.55 29.41
N TYR B 242 -9.83 8.23 30.69
CA TYR B 242 -11.18 7.91 31.16
C TYR B 242 -12.06 9.15 31.22
N PHE B 243 -13.37 8.91 31.28
CA PHE B 243 -14.40 9.97 31.47
C PHE B 243 -14.05 10.99 32.55
N ASP B 244 -13.39 10.54 33.62
CA ASP B 244 -13.02 11.39 34.76
C ASP B 244 -11.55 11.87 34.74
N TYR B 245 -10.98 12.04 33.54
CA TYR B 245 -9.56 12.41 33.41
C TYR B 245 -9.17 13.74 34.07
N VAL B 246 -10.12 14.68 34.16
CA VAL B 246 -9.88 15.96 34.85
C VAL B 246 -9.48 15.72 36.32
N LYS B 247 -10.17 14.79 37.00
CA LYS B 247 -9.81 14.41 38.38
C LYS B 247 -8.42 13.81 38.55
N ASP B 248 -7.89 13.19 37.49
CA ASP B 248 -6.53 12.62 37.49
C ASP B 248 -5.43 13.59 37.03
N GLY B 249 -5.81 14.82 36.67
CA GLY B 249 -4.83 15.86 36.35
C GLY B 249 -4.65 16.16 34.87
N ALA B 250 -5.31 15.40 34.00
CA ALA B 250 -5.32 15.68 32.56
C ALA B 250 -6.28 16.82 32.24
N LYS B 251 -6.07 17.49 31.10
CA LYS B 251 -6.81 18.71 30.75
C LYS B 251 -7.45 18.67 29.37
N PRO B 252 -8.66 19.25 29.21
CA PRO B 252 -9.29 19.29 27.87
C PRO B 252 -8.53 20.13 26.83
N GLU B 253 -7.65 21.03 27.29
CA GLU B 253 -6.78 21.79 26.40
C GLU B 253 -5.79 20.90 25.65
N TRP B 254 -5.49 19.72 26.21
CA TRP B 254 -4.61 18.73 25.54
C TRP B 254 -5.34 17.80 24.58
N GLY B 255 -6.66 17.96 24.45
CA GLY B 255 -7.50 16.98 23.77
C GLY B 255 -7.44 17.03 22.26
N LEU B 256 -7.95 15.97 21.64
CA LEU B 256 -8.13 15.91 20.19
C LEU B 256 -9.61 16.14 19.95
N TYR B 257 -9.93 16.95 18.93
CA TYR B 257 -11.30 17.38 18.68
C TYR B 257 -11.78 17.07 17.26
N LYS B 258 -13.05 16.66 17.17
CA LYS B 258 -13.68 16.35 15.89
C LYS B 258 -14.11 17.58 15.08
N ASP B 259 -14.00 18.77 15.69
CA ASP B 259 -14.35 20.04 15.05
C ASP B 259 -13.33 21.10 15.46
N PRO B 260 -13.25 22.22 14.70
CA PRO B 260 -12.25 23.24 15.02
C PRO B 260 -12.63 24.25 16.12
N ASN B 261 -13.73 24.01 16.85
CA ASN B 261 -14.19 24.92 17.91
C ASN B 261 -14.22 24.28 19.31
N HIS B 262 -13.41 23.22 19.50
CA HIS B 262 -13.39 22.39 20.72
C HIS B 262 -14.75 22.07 21.38
N GLU B 263 -15.77 21.81 20.55
CA GLU B 263 -17.10 21.45 21.05
C GLU B 263 -17.13 19.98 21.47
N GLU B 264 -16.73 19.10 20.55
CA GLU B 264 -16.78 17.64 20.75
C GLU B 264 -15.37 17.03 20.76
N GLN B 265 -14.90 16.63 21.94
CA GLN B 265 -13.64 15.92 22.06
C GLN B 265 -13.78 14.56 21.42
N ASP B 266 -12.78 14.15 20.66
CA ASP B 266 -12.82 12.84 20.00
C ASP B 266 -12.78 11.77 21.07
N ASN B 267 -13.53 10.70 20.83
CA ASN B 267 -13.69 9.64 21.81
C ASN B 267 -14.08 8.31 21.19
N HIS B 268 -13.80 7.24 21.92
CA HIS B 268 -14.08 5.87 21.50
C HIS B 268 -15.07 5.27 22.50
N PRO B 269 -16.36 5.13 22.11
CA PRO B 269 -17.33 4.58 23.06
C PRO B 269 -17.08 3.12 23.43
N LEU B 270 -17.41 2.77 24.68
CA LEU B 270 -17.27 1.41 25.18
C LEU B 270 -18.60 0.91 25.70
N PRO B 271 -18.73 -0.42 25.94
CA PRO B 271 -19.95 -0.93 26.58
C PRO B 271 -20.16 -0.30 27.96
N HIS B 272 -21.41 -0.08 28.36
CA HIS B 272 -21.68 0.65 29.61
C HIS B 272 -21.32 -0.10 30.90
N THR B 273 -21.18 -1.42 30.83
CA THR B 273 -20.69 -2.22 31.97
C THR B 273 -19.18 -2.08 32.21
N TRP B 274 -18.48 -1.45 31.27
CA TRP B 274 -17.03 -1.23 31.38
C TRP B 274 -16.72 -0.06 32.33
N ALA B 275 -15.43 0.11 32.63
CA ALA B 275 -15.00 1.06 33.66
C ALA B 275 -15.19 2.54 33.31
N THR B 276 -15.35 2.83 32.02
CA THR B 276 -15.66 4.18 31.56
C THR B 276 -16.62 4.08 30.37
N ASP B 277 -17.49 5.08 30.26
CA ASP B 277 -18.45 5.19 29.17
C ASP B 277 -17.75 5.25 27.81
N ARG B 278 -16.61 5.94 27.80
CA ARG B 278 -15.84 6.16 26.59
C ARG B 278 -14.41 6.53 26.96
N LEU B 279 -13.49 6.32 26.03
CA LEU B 279 -12.13 6.81 26.17
C LEU B 279 -12.03 8.10 25.39
N TYR B 280 -11.71 9.19 26.07
CA TYR B 280 -11.47 10.48 25.41
C TYR B 280 -10.06 10.50 24.84
N LEU B 281 -9.92 11.07 23.64
CA LEU B 281 -8.65 11.07 22.92
C LEU B 281 -7.93 12.41 23.04
N PHE B 282 -6.61 12.31 23.17
CA PHE B 282 -5.73 13.46 23.29
C PHE B 282 -4.81 13.59 22.09
N ASN B 283 -4.27 14.79 21.89
CA ASN B 283 -3.34 15.05 20.80
C ASN B 283 -1.96 14.52 21.19
N PRO B 284 -1.44 13.49 20.46
CA PRO B 284 -0.11 13.00 20.80
C PRO B 284 1.02 14.03 20.67
N ALA B 285 0.85 15.02 19.79
CA ALA B 285 1.85 16.09 19.61
C ALA B 285 1.84 17.11 20.73
N ASN B 286 0.78 17.11 21.55
CA ASN B 286 0.72 18.01 22.71
C ASN B 286 1.75 17.62 23.76
N LYS B 287 2.69 18.52 23.99
CA LYS B 287 3.81 18.30 24.89
C LYS B 287 3.38 18.08 26.36
N ASP B 288 2.25 18.66 26.75
CA ASP B 288 1.73 18.46 28.11
C ASP B 288 1.10 17.07 28.26
N TRP B 289 0.40 16.60 27.24
CA TRP B 289 -0.09 15.21 27.22
C TRP B 289 1.09 14.23 27.30
N GLN B 290 2.12 14.46 26.49
CA GLN B 290 3.31 13.60 26.50
C GLN B 290 3.91 13.54 27.89
N ASN B 291 4.18 14.69 28.48
CA ASN B 291 4.74 14.73 29.83
C ASN B 291 3.87 13.96 30.85
N TYR B 292 2.57 14.18 30.78
CA TYR B 292 1.60 13.55 31.69
C TYR B 292 1.61 12.01 31.56
N ILE B 293 1.43 11.53 30.34
CA ILE B 293 1.33 10.08 30.12
C ILE B 293 2.68 9.37 30.30
N PHE B 294 3.80 10.03 29.98
CA PHE B 294 5.11 9.45 30.21
C PHE B 294 5.41 9.32 31.71
N ASN B 295 5.00 10.31 32.50
CA ASN B 295 5.10 10.22 33.96
C ASN B 295 4.26 9.07 34.53
N ALA B 296 3.03 8.93 34.03
CA ALA B 296 2.14 7.85 34.48
C ALA B 296 2.73 6.48 34.12
N GLU B 297 3.24 6.34 32.89
CA GLU B 297 3.92 5.10 32.50
C GLU B 297 5.18 4.84 33.29
N LYS B 298 5.93 5.89 33.61
CA LYS B 298 7.15 5.73 34.43
C LYS B 298 6.85 5.03 35.78
N ASP B 299 5.76 5.42 36.41
CA ASP B 299 5.32 4.78 37.67
C ASP B 299 4.98 3.30 37.46
N ALA B 300 4.24 3.01 36.39
CA ALA B 300 3.89 1.62 36.04
C ALA B 300 5.15 0.77 35.85
N PHE B 301 6.09 1.27 35.06
CA PHE B 301 7.36 0.57 34.80
C PHE B 301 8.25 0.43 36.04
N ARG B 302 8.15 1.35 37.00
CA ARG B 302 8.90 1.21 38.26
C ARG B 302 8.41 0.04 39.12
N VAL B 303 7.11 -0.21 39.10
CA VAL B 303 6.51 -1.28 39.90
C VAL B 303 6.56 -2.64 39.17
N TYR B 304 6.23 -2.62 37.88
CA TYR B 304 6.13 -3.83 37.08
C TYR B 304 7.24 -3.84 36.05
N ASN B 305 8.06 -4.89 36.06
CA ASN B 305 9.30 -4.93 35.30
C ASN B 305 9.09 -5.24 33.80
N PHE B 306 8.20 -4.50 33.16
CA PHE B 306 7.98 -4.60 31.71
C PHE B 306 9.22 -4.14 30.94
N ASP B 307 9.46 -4.73 29.76
CA ASP B 307 10.59 -4.37 28.88
C ASP B 307 10.21 -3.40 27.78
N VAL B 308 8.94 -3.37 27.42
CA VAL B 308 8.45 -2.70 26.23
C VAL B 308 7.15 -1.98 26.58
N TRP B 309 6.97 -0.78 26.03
CA TRP B 309 5.67 -0.17 25.97
C TRP B 309 5.11 -0.46 24.58
N HIS B 310 4.04 -1.26 24.53
CA HIS B 310 3.28 -1.51 23.31
C HIS B 310 2.22 -0.43 23.17
N VAL B 311 2.49 0.53 22.29
CA VAL B 311 1.61 1.70 22.11
C VAL B 311 0.57 1.44 21.05
N ASP B 312 -0.69 1.34 21.48
CA ASP B 312 -1.79 1.09 20.55
C ASP B 312 -2.35 2.41 20.01
N THR B 313 -2.92 2.32 18.81
CA THR B 313 -3.72 3.40 18.21
C THR B 313 -5.01 2.83 17.68
N LEU B 314 -5.94 3.71 17.35
CA LEU B 314 -7.25 3.33 16.83
C LEU B 314 -7.35 3.48 15.30
N GLY B 315 -6.34 4.07 14.65
CA GLY B 315 -6.40 4.32 13.21
C GLY B 315 -7.02 5.67 12.88
N PRO B 316 -7.46 5.86 11.61
CA PRO B 316 -8.03 7.13 11.17
C PRO B 316 -9.22 7.57 12.01
N ARG B 317 -9.25 8.86 12.35
CA ARG B 317 -10.30 9.45 13.17
C ARG B 317 -11.08 10.52 12.41
N GLY B 318 -10.97 10.53 11.08
CA GLY B 318 -11.53 11.62 10.28
C GLY B 318 -10.70 12.88 10.40
N MET B 319 -11.29 14.01 10.02
CA MET B 319 -10.60 15.30 10.11
C MET B 319 -10.69 15.74 11.57
N VAL B 320 -9.53 15.95 12.19
CA VAL B 320 -9.47 16.30 13.61
C VAL B 320 -8.55 17.48 13.87
N TYR B 321 -8.75 18.11 15.03
CA TYR B 321 -8.16 19.39 15.37
C TYR B 321 -7.74 19.41 16.85
N ASP B 322 -6.78 20.27 17.19
CA ASP B 322 -6.46 20.55 18.61
C ASP B 322 -7.54 21.44 19.26
N TYR B 323 -7.36 21.76 20.55
CA TYR B 323 -8.30 22.62 21.28
C TYR B 323 -8.48 23.99 20.64
N ASN B 324 -7.37 24.61 20.21
CA ASN B 324 -7.41 25.91 19.53
C ASN B 324 -8.00 25.89 18.11
N GLY B 325 -8.21 24.70 17.53
CA GLY B 325 -8.85 24.57 16.22
C GLY B 325 -7.90 24.38 15.06
N ASN B 326 -6.61 24.22 15.35
CA ASN B 326 -5.61 23.95 14.32
C ASN B 326 -5.74 22.49 13.88
N PRO B 327 -5.77 22.21 12.57
CA PRO B 327 -5.88 20.81 12.16
C PRO B 327 -4.66 19.99 12.59
N VAL B 328 -4.91 18.74 12.97
CA VAL B 328 -3.86 17.79 13.34
C VAL B 328 -4.05 16.55 12.46
N GLU B 329 -3.05 16.24 11.64
CA GLU B 329 -3.04 14.96 10.94
C GLU B 329 -2.33 13.98 11.87
N LEU B 330 -3.11 13.07 12.47
CA LEU B 330 -2.63 12.16 13.52
C LEU B 330 -1.41 11.33 13.14
N SER B 331 -1.41 10.81 11.91
CA SER B 331 -0.33 9.93 11.49
C SER B 331 1.05 10.59 11.56
N PHE B 332 1.10 11.91 11.39
CA PHE B 332 2.36 12.64 11.47
C PHE B 332 2.80 12.99 12.89
N THR B 333 1.97 12.70 13.91
CA THR B 333 2.37 12.88 15.32
C THR B 333 3.02 11.65 15.96
N TYR B 334 2.87 10.47 15.37
CA TYR B 334 3.29 9.23 16.03
C TYR B 334 4.79 9.11 16.30
N ALA B 335 5.62 9.41 15.30
CA ALA B 335 7.07 9.17 15.44
C ALA B 335 7.70 9.98 16.57
N ASP B 336 7.38 11.28 16.60
CA ASP B 336 7.82 12.19 17.68
C ASP B 336 7.40 11.66 19.05
N PHE B 337 6.12 11.27 19.16
CA PHE B 337 5.58 10.73 20.41
C PHE B 337 6.40 9.52 20.86
N LEU B 338 6.61 8.57 19.95
CA LEU B 338 7.27 7.32 20.27
C LEU B 338 8.75 7.50 20.63
N ASN B 339 9.43 8.36 19.89
CA ASN B 339 10.84 8.67 20.20
C ASN B 339 10.96 9.39 21.54
N ASN B 340 10.06 10.33 21.79
CA ASN B 340 10.03 11.02 23.10
C ASN B 340 9.72 10.03 24.22
N ALA B 341 8.79 9.11 23.99
CA ALA B 341 8.48 8.03 24.95
C ALA B 341 9.68 7.15 25.28
N LYS B 342 10.40 6.71 24.24
CA LYS B 342 11.59 5.86 24.44
C LYS B 342 12.67 6.58 25.28
N ASN B 343 12.87 7.86 24.99
CA ASN B 343 13.83 8.67 25.77
C ASN B 343 13.38 8.92 27.20
N ALA B 344 12.10 9.22 27.39
CA ALA B 344 11.57 9.48 28.73
C ALA B 344 11.56 8.22 29.62
N LEU B 345 11.17 7.08 29.07
CA LEU B 345 11.08 5.83 29.84
C LEU B 345 12.34 4.98 29.90
N GLY B 346 13.23 5.10 28.91
CA GLY B 346 14.38 4.19 28.79
C GLY B 346 13.96 2.75 28.54
N LYS B 347 12.90 2.58 27.76
CA LYS B 347 12.37 1.26 27.45
C LYS B 347 12.17 1.13 25.96
N ARG B 348 12.08 -0.11 25.51
CA ARG B 348 11.77 -0.39 24.11
C ARG B 348 10.32 -0.03 23.80
N ILE B 349 10.06 0.31 22.54
CA ILE B 349 8.75 0.76 22.10
C ILE B 349 8.32 -0.02 20.85
N VAL B 350 7.04 -0.37 20.80
CA VAL B 350 6.37 -0.91 19.62
C VAL B 350 5.06 -0.13 19.49
N CYS B 351 4.64 0.13 18.25
CA CYS B 351 3.40 0.85 18.00
C CYS B 351 2.55 0.09 17.00
N ASN B 352 1.26 -0.07 17.31
CA ASN B 352 0.31 -0.61 16.35
C ASN B 352 -0.20 0.47 15.39
N THR B 353 0.19 0.36 14.12
CA THR B 353 -0.30 1.28 13.10
C THR B 353 -1.44 0.58 12.35
N VAL B 354 -2.66 0.76 12.89
CA VAL B 354 -3.87 0.05 12.43
C VAL B 354 -4.14 0.33 10.97
N ASN B 355 -4.33 -0.73 10.18
CA ASN B 355 -4.52 -0.61 8.73
C ASN B 355 -3.46 0.23 8.02
N GLU B 356 -2.23 0.12 8.52
CA GLU B 356 -1.06 0.86 8.04
C GLU B 356 -1.16 2.37 8.24
N TYR B 357 -2.14 2.85 9.02
CA TYR B 357 -2.30 4.29 9.23
C TYR B 357 -1.18 4.74 10.15
N GLY B 358 -0.25 5.53 9.59
CA GLY B 358 0.96 5.90 10.30
C GLY B 358 2.16 5.01 10.09
N LEU B 359 2.02 3.95 9.28
CA LEU B 359 3.10 2.96 9.16
C LEU B 359 4.34 3.58 8.55
N ILE B 360 4.17 4.32 7.46
CA ILE B 360 5.34 4.95 6.84
C ILE B 360 6.04 5.91 7.83
N ASN B 361 5.24 6.64 8.59
CA ASN B 361 5.74 7.60 9.56
C ASN B 361 6.57 6.92 10.65
N VAL B 362 6.02 5.83 11.18
CA VAL B 362 6.70 5.06 12.23
C VAL B 362 7.93 4.31 11.68
N ALA B 363 7.75 3.64 10.54
CA ALA B 363 8.85 2.87 9.94
C ALA B 363 10.03 3.75 9.54
N SER B 364 9.75 4.94 9.01
CA SER B 364 10.83 5.83 8.54
C SER B 364 11.43 6.70 9.65
N GLY B 365 10.64 7.01 10.68
CA GLY B 365 11.02 8.02 11.68
C GLY B 365 11.08 7.63 13.15
N ALA B 366 10.62 6.43 13.51
CA ALA B 366 10.50 6.04 14.94
C ALA B 366 11.44 4.91 15.31
N ASP B 367 12.04 5.02 16.50
CA ASP B 367 13.02 4.03 16.97
C ASP B 367 12.30 2.86 17.68
N VAL B 368 11.34 2.27 16.97
CA VAL B 368 10.59 1.12 17.48
C VAL B 368 11.41 -0.15 17.28
N ASP B 369 11.15 -1.17 18.11
CA ASP B 369 11.86 -2.44 17.98
C ASP B 369 11.51 -3.15 16.67
N PHE B 370 10.24 -3.13 16.32
CA PHE B 370 9.73 -3.68 15.06
C PHE B 370 8.40 -3.02 14.75
N LEU B 371 7.88 -3.29 13.56
CA LEU B 371 6.63 -2.73 13.09
C LEU B 371 5.49 -3.69 13.44
N TYR B 372 4.31 -3.13 13.69
CA TYR B 372 3.14 -3.89 14.11
C TYR B 372 1.90 -3.32 13.43
N VAL B 373 1.20 -4.16 12.69
CA VAL B 373 0.08 -3.72 11.89
C VAL B 373 -1.10 -4.65 12.07
N GLU B 374 -2.16 -4.12 12.67
CA GLU B 374 -3.46 -4.78 12.72
C GLU B 374 -4.16 -4.48 11.40
N ILE B 375 -4.55 -5.51 10.66
CA ILE B 375 -5.23 -5.32 9.37
C ILE B 375 -6.64 -5.87 9.38
N TRP B 376 -7.52 -5.23 8.62
CA TRP B 376 -8.93 -5.54 8.66
C TRP B 376 -9.51 -5.75 7.27
N PRO B 377 -10.31 -6.83 7.10
CA PRO B 377 -11.31 -6.89 6.02
C PRO B 377 -12.43 -5.90 6.32
N PRO B 378 -13.21 -5.44 5.33
CA PRO B 378 -13.10 -5.83 3.91
C PRO B 378 -11.95 -5.20 3.12
N ALA B 379 -11.47 -4.02 3.52
CA ALA B 379 -10.43 -3.30 2.77
C ALA B 379 -9.17 -4.14 2.48
N ARG B 380 -8.68 -4.85 3.48
CA ARG B 380 -7.48 -5.68 3.34
C ARG B 380 -7.78 -7.18 3.50
N ALA B 381 -8.90 -7.62 2.94
CA ALA B 381 -9.32 -9.03 2.97
C ALA B 381 -8.49 -9.93 2.06
N HIS B 382 -8.06 -9.40 0.92
CA HIS B 382 -7.30 -10.19 -0.07
C HIS B 382 -6.02 -10.76 0.58
N TYR B 383 -5.67 -12.02 0.25
CA TYR B 383 -4.43 -12.65 0.75
C TYR B 383 -3.17 -11.80 0.50
N ASN B 384 -3.11 -11.15 -0.65
CA ASN B 384 -2.00 -10.24 -0.98
C ASN B 384 -1.62 -9.28 0.13
N PHE B 385 -2.61 -8.79 0.88
CA PHE B 385 -2.33 -7.83 1.95
C PHE B 385 -1.53 -8.41 3.10
N LEU B 386 -1.61 -9.73 3.29
CA LEU B 386 -0.76 -10.37 4.31
C LEU B 386 0.71 -10.20 3.92
N LYS B 387 1.02 -10.32 2.63
CA LYS B 387 2.39 -10.12 2.16
C LYS B 387 2.74 -8.64 2.02
N GLN B 388 1.85 -7.87 1.41
CA GLN B 388 2.13 -6.46 1.09
C GLN B 388 2.34 -5.60 2.35
N THR B 389 1.66 -5.96 3.44
CA THR B 389 1.86 -5.30 4.72
C THR B 389 3.30 -5.47 5.21
N VAL B 390 3.83 -6.69 5.10
CA VAL B 390 5.22 -6.95 5.45
C VAL B 390 6.16 -6.24 4.49
N ASP B 391 5.87 -6.31 3.20
CA ASP B 391 6.71 -5.62 2.20
C ASP B 391 6.79 -4.11 2.45
N ASN B 392 5.66 -3.50 2.78
CA ASN B 392 5.60 -2.07 3.08
C ASN B 392 6.45 -1.69 4.27
N GLY B 393 6.30 -2.44 5.37
CA GLY B 393 7.14 -2.23 6.54
C GLY B 393 8.63 -2.35 6.23
N TYR B 394 8.99 -3.35 5.45
CA TYR B 394 10.35 -3.55 5.01
C TYR B 394 10.84 -2.35 4.16
N ASN B 395 10.06 -1.98 3.16
CA ASN B 395 10.44 -0.86 2.28
C ASN B 395 10.50 0.49 2.99
N TYR B 396 9.49 0.78 3.80
CA TYR B 396 9.44 2.05 4.53
C TYR B 396 10.56 2.17 5.54
N SER B 397 11.03 1.05 6.09
CA SER B 397 12.11 1.06 7.07
C SER B 397 13.49 0.85 6.45
N ASP B 398 13.58 0.88 5.11
CA ASP B 398 14.85 0.65 4.40
C ASP B 398 15.47 -0.70 4.80
N GLY B 399 14.59 -1.69 5.00
CA GLY B 399 15.00 -3.04 5.39
C GLY B 399 15.53 -3.21 6.81
N LYS B 400 15.34 -2.21 7.67
CA LYS B 400 15.91 -2.24 9.01
C LYS B 400 14.97 -2.78 10.09
N LYS B 401 13.68 -2.91 9.81
CA LYS B 401 12.72 -3.39 10.82
C LYS B 401 11.90 -4.57 10.33
N ALA B 402 11.69 -5.53 11.22
CA ALA B 402 10.77 -6.63 10.96
C ALA B 402 9.32 -6.17 11.19
N THR B 403 8.36 -6.97 10.73
CA THR B 403 6.95 -6.65 10.83
C THR B 403 6.16 -7.79 11.48
N VAL B 404 5.32 -7.42 12.45
CA VAL B 404 4.33 -8.32 13.06
C VAL B 404 2.97 -7.89 12.56
N VAL B 405 2.14 -8.87 12.20
CA VAL B 405 0.80 -8.62 11.72
C VAL B 405 -0.19 -9.17 12.74
N ALA B 406 -1.21 -8.37 13.05
CA ALA B 406 -2.38 -8.84 13.80
C ALA B 406 -3.49 -9.00 12.79
N ALA B 407 -4.01 -10.22 12.69
CA ALA B 407 -5.04 -10.54 11.70
C ALA B 407 -5.92 -11.63 12.31
N TYR B 408 -7.05 -11.22 12.88
CA TYR B 408 -7.80 -12.08 13.80
C TYR B 408 -8.66 -13.04 12.97
N MET B 409 -8.44 -14.32 13.18
CA MET B 409 -8.97 -15.35 12.29
C MET B 409 -10.38 -15.76 12.64
N ASN B 410 -11.17 -16.07 11.61
CA ASN B 410 -12.54 -16.58 11.77
C ASN B 410 -13.43 -15.63 12.59
N TYR B 411 -13.17 -14.33 12.42
CA TYR B 411 -13.84 -13.28 13.20
C TYR B 411 -15.36 -13.39 13.18
N GLY B 412 -15.91 -13.72 12.01
CA GLY B 412 -17.36 -13.81 11.82
C GLY B 412 -18.09 -14.81 12.71
N ILE B 413 -17.39 -15.86 13.17
CA ILE B 413 -17.99 -16.83 14.12
C ILE B 413 -17.42 -16.70 15.54
N ALA B 414 -16.74 -15.59 15.82
CA ALA B 414 -16.05 -15.40 17.10
C ALA B 414 -16.99 -15.18 18.28
N ASP B 415 -18.28 -14.93 18.04
CA ASP B 415 -19.26 -14.83 19.13
C ASP B 415 -19.92 -16.17 19.47
N ARG B 416 -19.58 -17.24 18.74
CA ARG B 416 -20.07 -18.59 19.03
C ARG B 416 -19.01 -19.45 19.69
N SER B 417 -19.45 -20.37 20.55
CA SER B 417 -18.60 -21.41 21.11
C SER B 417 -18.37 -22.45 20.01
N ALA B 418 -17.16 -22.44 19.44
CA ALA B 418 -16.85 -23.26 18.26
C ALA B 418 -15.34 -23.41 18.13
N GLU B 419 -14.90 -24.05 17.04
CA GLU B 419 -13.49 -24.23 16.79
C GLU B 419 -13.02 -23.33 15.64
N PHE B 420 -11.78 -22.86 15.73
CA PHE B 420 -11.11 -22.26 14.58
C PHE B 420 -11.12 -23.25 13.42
N ASN B 421 -11.14 -22.72 12.21
CA ASN B 421 -10.95 -23.54 11.02
C ASN B 421 -9.46 -23.80 10.84
N LYS B 422 -9.06 -25.07 10.96
CA LYS B 422 -7.64 -25.42 10.90
C LYS B 422 -6.99 -25.15 9.53
N HIS B 423 -7.78 -25.13 8.47
CA HIS B 423 -7.25 -24.92 7.12
C HIS B 423 -6.92 -23.44 6.88
N SER B 424 -7.88 -22.57 7.18
CA SER B 424 -7.66 -21.13 6.96
C SER B 424 -6.59 -20.56 7.90
N VAL B 425 -6.51 -21.06 9.13
CA VAL B 425 -5.44 -20.61 10.05
C VAL B 425 -4.05 -20.96 9.52
N ARG B 426 -3.89 -22.16 8.97
CA ARG B 426 -2.63 -22.55 8.34
C ARG B 426 -2.26 -21.69 7.14
N LEU B 427 -3.24 -21.39 6.28
CA LEU B 427 -2.96 -20.62 5.06
C LEU B 427 -2.57 -19.18 5.39
N THR B 428 -3.23 -18.61 6.40
CA THR B 428 -2.88 -17.28 6.88
C THR B 428 -1.47 -17.23 7.41
N ASP B 429 -1.09 -18.17 8.27
CA ASP B 429 0.29 -18.20 8.76
C ASP B 429 1.32 -18.47 7.66
N ALA B 430 1.02 -19.37 6.72
CA ALA B 430 1.89 -19.59 5.56
C ALA B 430 2.13 -18.28 4.82
N ALA B 431 1.05 -17.55 4.55
CA ALA B 431 1.14 -16.29 3.81
C ALA B 431 2.01 -15.26 4.56
N ILE B 432 1.78 -15.12 5.86
CA ILE B 432 2.52 -14.14 6.66
C ILE B 432 3.98 -14.56 6.84
N PHE B 433 4.20 -15.82 7.20
CA PHE B 433 5.54 -16.32 7.51
C PHE B 433 6.40 -16.35 6.26
N ALA B 434 5.84 -16.83 5.14
CA ALA B 434 6.61 -16.88 3.88
C ALA B 434 7.04 -15.48 3.40
N ALA B 435 6.21 -14.48 3.68
CA ALA B 435 6.51 -13.09 3.35
C ALA B 435 7.59 -12.45 4.22
N GLY B 436 8.04 -13.15 5.27
CA GLY B 436 9.01 -12.63 6.23
C GLY B 436 8.38 -11.94 7.42
N GLY B 437 7.10 -12.18 7.65
CA GLY B 437 6.37 -11.60 8.76
C GLY B 437 6.25 -12.56 9.94
N ASP B 438 5.67 -12.03 11.01
CA ASP B 438 5.22 -12.77 12.17
C ASP B 438 3.72 -12.43 12.37
N HIS B 439 2.99 -13.36 12.97
CA HIS B 439 1.56 -13.23 13.23
C HIS B 439 1.36 -13.32 14.74
N ILE B 440 0.92 -12.23 15.38
CA ILE B 440 0.46 -12.30 16.78
C ILE B 440 -0.92 -12.97 16.85
N GLU B 441 -0.96 -14.15 17.47
CA GLU B 441 -2.18 -14.97 17.51
C GLU B 441 -2.30 -15.92 18.71
N LEU B 442 -1.18 -16.37 19.28
CA LEU B 442 -1.18 -17.35 20.37
C LEU B 442 -0.96 -16.69 21.73
N GLY B 443 -1.68 -17.18 22.72
CA GLY B 443 -1.55 -16.65 24.07
C GLY B 443 -2.23 -17.51 25.10
N ASP B 444 -2.38 -16.97 26.30
CA ASP B 444 -2.91 -17.72 27.43
C ASP B 444 -4.31 -18.31 27.20
N THR B 445 -5.17 -17.57 26.51
CA THR B 445 -6.52 -18.05 26.17
C THR B 445 -6.62 -18.96 24.93
N GLY B 446 -5.49 -19.27 24.29
CA GLY B 446 -5.44 -20.15 23.13
C GLY B 446 -5.01 -19.35 21.92
N MET B 447 -5.99 -18.93 21.14
CA MET B 447 -5.74 -18.16 19.92
C MET B 447 -6.73 -17.00 19.81
N LEU B 448 -6.29 -15.89 19.21
CA LEU B 448 -7.14 -14.71 19.04
C LEU B 448 -8.18 -14.93 17.94
N SER B 449 -9.42 -14.55 18.24
CA SER B 449 -10.47 -14.51 17.25
C SER B 449 -11.11 -13.12 17.10
N LYS B 450 -10.74 -12.17 17.96
CA LYS B 450 -11.29 -10.80 17.98
C LYS B 450 -10.22 -9.83 18.45
N GLU B 451 -10.46 -8.54 18.21
CA GLU B 451 -9.54 -7.49 18.68
C GLU B 451 -9.52 -7.35 20.20
N TYR B 452 -10.60 -7.75 20.86
CA TYR B 452 -10.63 -7.85 22.33
C TYR B 452 -9.97 -9.18 22.70
N PHE B 453 -8.70 -9.12 23.08
CA PHE B 453 -7.88 -10.33 23.27
C PHE B 453 -8.46 -11.33 24.27
N PRO B 454 -9.08 -10.86 25.37
CA PRO B 454 -9.69 -11.84 26.28
C PRO B 454 -10.85 -12.67 25.71
N SER B 455 -11.47 -12.24 24.61
CA SER B 455 -12.57 -13.00 23.99
C SER B 455 -12.03 -14.32 23.45
N ALA B 456 -12.52 -15.43 23.99
CA ALA B 456 -11.96 -16.74 23.66
C ALA B 456 -13.04 -17.78 23.37
N ASN B 457 -14.04 -17.40 22.59
CA ASN B 457 -15.11 -18.33 22.23
C ASN B 457 -14.64 -19.41 21.23
N LEU B 458 -13.71 -19.06 20.35
CA LEU B 458 -13.13 -20.04 19.43
C LEU B 458 -11.95 -20.76 20.08
N LYS B 459 -11.95 -22.09 19.99
CA LYS B 459 -10.86 -22.93 20.51
C LYS B 459 -10.15 -23.62 19.37
N MET B 460 -8.86 -23.88 19.56
CA MET B 460 -8.10 -24.68 18.62
C MET B 460 -8.39 -26.15 18.87
N SER B 461 -8.72 -26.90 17.82
CA SER B 461 -8.79 -28.36 17.92
C SER B 461 -7.40 -28.94 18.13
N GLU B 462 -7.35 -30.22 18.54
CA GLU B 462 -6.08 -30.92 18.71
C GLU B 462 -5.23 -30.89 17.44
N SER B 463 -5.87 -31.10 16.30
CA SER B 463 -5.18 -31.09 15.01
C SER B 463 -4.60 -29.71 14.69
N LEU B 464 -5.34 -28.64 14.99
CA LEU B 464 -4.81 -27.28 14.81
C LEU B 464 -3.63 -26.99 15.73
N VAL B 465 -3.70 -27.41 16.99
CA VAL B 465 -2.59 -27.22 17.93
C VAL B 465 -1.31 -27.89 17.39
N LYS B 466 -1.45 -29.11 16.88
CA LYS B 466 -0.32 -29.83 16.29
C LYS B 466 0.27 -29.09 15.11
N ALA B 467 -0.61 -28.56 14.26
CA ALA B 467 -0.17 -27.75 13.12
C ALA B 467 0.54 -26.49 13.60
N MET B 468 -0.02 -25.80 14.60
CA MET B 468 0.63 -24.59 15.12
C MET B 468 1.99 -24.88 15.73
N ARG B 469 2.15 -26.01 16.41
CA ARG B 469 3.47 -26.39 16.91
C ARG B 469 4.49 -26.55 15.76
N ASN B 470 4.07 -27.20 14.69
CA ASN B 470 4.93 -27.37 13.51
C ASN B 470 5.26 -26.05 12.80
N TYR B 471 4.25 -25.21 12.64
CA TYR B 471 4.40 -23.92 11.97
C TYR B 471 5.33 -22.99 12.75
N TYR B 472 5.23 -23.01 14.08
CA TYR B 472 6.10 -22.17 14.92
C TYR B 472 7.52 -22.71 15.00
N ASP B 473 7.68 -24.03 14.98
CA ASP B 473 9.03 -24.61 14.83
C ASP B 473 9.64 -24.15 13.51
N PHE B 474 8.82 -24.15 12.46
CA PHE B 474 9.26 -23.74 11.12
C PHE B 474 9.66 -22.25 11.09
N LEU B 475 8.82 -21.41 11.68
CA LEU B 475 9.06 -19.96 11.79
C LEU B 475 10.43 -19.67 12.42
N THR B 476 10.78 -20.50 13.39
CA THR B 476 12.00 -20.36 14.17
C THR B 476 13.21 -20.99 13.47
N ALA B 477 13.09 -22.26 13.11
CA ALA B 477 14.18 -23.01 12.48
C ALA B 477 14.62 -22.45 11.13
N TYR B 478 13.71 -21.83 10.38
CA TYR B 478 14.00 -21.29 9.04
C TYR B 478 14.00 -19.76 8.97
N GLU B 479 14.11 -19.10 10.12
CA GLU B 479 14.16 -17.64 10.18
C GLU B 479 15.22 -17.03 9.28
N ASN B 480 16.35 -17.71 9.10
CA ASN B 480 17.41 -17.21 8.20
C ASN B 480 17.03 -17.25 6.71
N LEU B 481 16.10 -18.12 6.32
CA LEU B 481 15.58 -18.14 4.94
C LEU B 481 14.28 -17.34 4.76
N LEU B 482 13.61 -17.03 5.86
CA LEU B 482 12.34 -16.32 5.84
C LEU B 482 12.46 -14.80 6.01
N ARG B 483 13.40 -14.33 6.82
CA ARG B 483 13.48 -12.89 7.10
C ARG B 483 14.86 -12.45 7.54
N ASP B 484 15.86 -12.85 6.76
CA ASP B 484 17.25 -12.46 7.03
C ASP B 484 17.99 -12.23 5.70
N GLY B 485 18.22 -10.96 5.38
CA GLY B 485 19.05 -10.58 4.23
C GLY B 485 18.47 -10.86 2.86
N LEU B 486 17.15 -10.89 2.76
CA LEU B 486 16.48 -11.27 1.51
C LEU B 486 16.13 -10.06 0.65
N LYS B 487 16.11 -10.29 -0.68
CA LYS B 487 15.54 -9.32 -1.63
C LYS B 487 14.60 -10.05 -2.58
N GLU B 488 13.59 -9.33 -3.06
CA GLU B 488 12.68 -9.82 -4.12
C GLU B 488 13.50 -10.28 -5.34
N SER B 489 13.11 -11.41 -5.92
CA SER B 489 13.75 -11.92 -7.13
C SER B 489 12.85 -11.67 -8.34
N ASP B 490 13.46 -11.25 -9.43
CA ASP B 490 12.77 -11.10 -10.73
C ASP B 490 12.74 -12.41 -11.53
N ASN B 491 13.41 -13.46 -11.05
CA ASN B 491 13.48 -14.74 -11.77
C ASN B 491 12.10 -15.37 -11.96
N LYS B 492 11.80 -15.76 -13.19
CA LYS B 492 10.50 -16.33 -13.57
C LYS B 492 10.30 -17.71 -12.92
N ILE B 493 9.09 -17.94 -12.40
CA ILE B 493 8.66 -19.23 -11.89
C ILE B 493 7.48 -19.72 -12.74
N GLU B 494 7.52 -20.98 -13.16
CA GLU B 494 6.35 -21.62 -13.74
C GLU B 494 6.09 -22.93 -13.03
N ILE B 495 4.82 -23.33 -12.97
CA ILE B 495 4.41 -24.66 -12.45
C ILE B 495 3.50 -25.28 -13.50
N PRO B 496 4.10 -26.03 -14.44
CA PRO B 496 3.32 -26.49 -15.59
C PRO B 496 2.06 -27.25 -15.18
N GLY B 497 0.94 -26.91 -15.82
CA GLY B 497 -0.35 -27.55 -15.52
C GLY B 497 -1.17 -26.98 -14.37
N ILE B 498 -0.57 -26.12 -13.56
CA ILE B 498 -1.23 -25.57 -12.37
C ILE B 498 -1.34 -24.06 -12.51
N GLU B 499 -2.49 -23.49 -12.17
CA GLU B 499 -2.66 -22.05 -12.21
C GLU B 499 -1.88 -21.44 -11.05
N ILE B 500 -1.10 -20.40 -11.36
CA ILE B 500 -0.28 -19.71 -10.36
C ILE B 500 -0.57 -18.21 -10.33
N SER B 501 -0.24 -17.58 -9.21
CA SER B 501 -0.29 -16.12 -9.09
C SER B 501 0.88 -15.66 -8.21
N ASN B 502 1.25 -14.38 -8.35
CA ASN B 502 2.28 -13.80 -7.46
C ASN B 502 1.70 -13.05 -6.26
N ASN B 503 0.38 -13.04 -6.14
CA ASN B 503 -0.34 -12.13 -5.23
C ASN B 503 -1.49 -12.75 -4.43
N GLY B 504 -1.56 -14.09 -4.34
CA GLY B 504 -2.57 -14.73 -3.51
C GLY B 504 -3.94 -14.75 -4.11
N SER B 505 -4.02 -14.91 -5.43
CA SER B 505 -5.32 -14.99 -6.11
C SER B 505 -5.98 -16.33 -5.81
N ALA B 506 -7.30 -16.32 -5.80
CA ALA B 506 -8.11 -17.53 -5.60
C ALA B 506 -7.82 -18.55 -6.71
N ARG B 507 -7.95 -19.82 -6.39
CA ARG B 507 -7.77 -20.91 -7.37
C ARG B 507 -6.40 -20.88 -8.05
N THR B 508 -5.35 -20.58 -7.27
CA THR B 508 -3.97 -20.67 -7.75
C THR B 508 -3.05 -21.19 -6.67
N VAL B 509 -1.86 -21.61 -7.08
CA VAL B 509 -0.72 -21.70 -6.18
C VAL B 509 -0.05 -20.32 -6.19
N TRP B 510 0.03 -19.72 -5.01
CA TRP B 510 0.72 -18.46 -4.80
C TRP B 510 2.20 -18.75 -4.71
N THR B 511 2.96 -18.21 -5.66
CA THR B 511 4.37 -18.48 -5.71
C THR B 511 5.19 -17.24 -6.03
N TYR B 512 6.33 -17.14 -5.34
CA TYR B 512 7.28 -16.07 -5.59
C TYR B 512 8.64 -16.48 -5.08
N ALA B 513 9.66 -15.74 -5.51
CA ALA B 513 11.03 -16.04 -5.15
C ALA B 513 11.73 -14.85 -4.51
N LYS B 514 12.71 -15.19 -3.67
CA LYS B 514 13.58 -14.23 -3.02
C LYS B 514 15.01 -14.70 -3.11
N GLN B 515 15.95 -13.78 -2.97
CA GLN B 515 17.37 -14.14 -3.00
C GLN B 515 18.13 -13.56 -1.83
N LYS B 516 19.11 -14.31 -1.36
CA LYS B 516 20.05 -13.80 -0.37
C LYS B 516 21.41 -14.35 -0.68
N ASP B 517 22.40 -13.88 0.06
CA ASP B 517 23.73 -14.45 -0.04
C ASP B 517 23.64 -15.95 0.21
N GLY B 518 24.00 -16.74 -0.81
CA GLY B 518 24.10 -18.19 -0.68
C GLY B 518 22.85 -19.01 -1.00
N TYR B 519 21.68 -18.37 -1.12
CA TYR B 519 20.43 -19.09 -1.40
C TYR B 519 19.47 -18.29 -2.25
N ASP B 520 18.70 -18.98 -3.08
CA ASP B 520 17.43 -18.47 -3.60
C ASP B 520 16.34 -19.28 -2.92
N VAL B 521 15.21 -18.63 -2.64
CA VAL B 521 14.10 -19.27 -1.92
C VAL B 521 12.84 -19.12 -2.78
N ILE B 522 12.10 -20.20 -2.95
CA ILE B 522 10.83 -20.19 -3.67
C ILE B 522 9.74 -20.68 -2.73
N HIS B 523 8.71 -19.87 -2.57
CA HIS B 523 7.54 -20.24 -1.78
C HIS B 523 6.39 -20.66 -2.67
N MET B 524 5.66 -21.67 -2.22
CA MET B 524 4.41 -22.10 -2.84
C MET B 524 3.38 -22.24 -1.75
N ILE B 525 2.33 -21.43 -1.86
CA ILE B 525 1.21 -21.45 -0.92
C ILE B 525 -0.04 -21.84 -1.68
N ASN B 526 -0.70 -22.90 -1.21
CA ASN B 526 -1.73 -23.57 -1.96
C ASN B 526 -3.12 -22.97 -1.71
N LEU B 527 -3.54 -22.09 -2.64
CA LEU B 527 -4.89 -21.52 -2.63
C LEU B 527 -5.75 -22.14 -3.72
N LEU B 528 -5.42 -23.35 -4.16
CA LEU B 528 -6.19 -24.02 -5.22
C LEU B 528 -7.60 -24.39 -4.77
N GLY B 529 -7.79 -24.55 -3.46
CA GLY B 529 -9.12 -24.80 -2.87
C GLY B 529 -9.91 -23.56 -2.47
N ILE B 530 -9.34 -22.37 -2.71
CA ILE B 530 -9.95 -21.10 -2.30
C ILE B 530 -10.77 -20.50 -3.44
N GLU B 531 -12.03 -20.15 -3.14
CA GLU B 531 -12.95 -19.58 -4.13
C GLU B 531 -12.83 -18.06 -4.25
N VAL B 532 -12.67 -17.41 -3.10
CA VAL B 532 -12.52 -15.95 -3.02
C VAL B 532 -11.29 -15.65 -2.17
N SER B 533 -10.43 -14.76 -2.66
CA SER B 533 -9.21 -14.41 -1.92
C SER B 533 -9.59 -13.57 -0.72
N ASN B 534 -9.75 -14.25 0.40
CA ASN B 534 -10.13 -13.63 1.67
C ASN B 534 -9.46 -14.49 2.74
N TRP B 535 -8.49 -13.91 3.46
CA TRP B 535 -7.69 -14.68 4.43
C TRP B 535 -8.45 -15.03 5.70
N ARG B 536 -9.51 -14.29 6.02
CA ARG B 536 -10.10 -14.41 7.35
C ARG B 536 -11.04 -15.60 7.55
N ASP B 537 -11.70 -16.04 6.47
CA ASP B 537 -12.64 -17.18 6.54
C ASP B 537 -13.67 -16.92 7.64
N ASP B 538 -14.53 -15.94 7.42
CA ASP B 538 -15.49 -15.52 8.45
C ASP B 538 -16.55 -16.55 8.84
N LEU B 539 -16.82 -17.52 7.97
CA LEU B 539 -17.75 -18.60 8.32
C LEU B 539 -17.03 -19.80 8.94
N GLY B 540 -15.70 -19.75 9.01
CA GLY B 540 -14.90 -20.88 9.48
C GLY B 540 -15.13 -22.16 8.68
N ASN B 541 -15.32 -22.03 7.36
CA ASN B 541 -15.70 -23.18 6.51
C ASN B 541 -14.76 -23.50 5.35
N TYR B 542 -13.53 -22.97 5.35
CA TYR B 542 -12.56 -23.32 4.30
C TYR B 542 -12.24 -24.82 4.44
N SER B 543 -11.87 -25.41 3.32
CA SER B 543 -11.61 -26.83 3.26
C SER B 543 -10.11 -27.07 3.13
N ALA B 544 -9.70 -28.31 3.32
CA ALA B 544 -8.31 -28.70 3.10
C ALA B 544 -7.94 -28.38 1.65
N PRO B 545 -6.75 -27.80 1.43
CA PRO B 545 -6.35 -27.61 0.02
C PRO B 545 -6.19 -28.97 -0.69
N PRO B 546 -6.34 -28.98 -2.03
CA PRO B 546 -6.00 -30.21 -2.74
C PRO B 546 -4.51 -30.50 -2.62
N ILE B 547 -4.16 -31.79 -2.58
CA ILE B 547 -2.77 -32.18 -2.50
C ILE B 547 -2.29 -32.44 -3.93
N ILE B 548 -1.17 -31.82 -4.27
CA ILE B 548 -0.50 -31.99 -5.55
C ILE B 548 0.79 -32.76 -5.28
N LYS B 549 0.94 -33.90 -5.94
CA LYS B 549 2.09 -34.77 -5.75
C LYS B 549 2.87 -35.00 -7.04
N ASP B 550 4.20 -35.02 -6.92
CA ASP B 550 5.12 -35.39 -7.98
C ASP B 550 4.96 -34.47 -9.20
N PHE B 551 5.06 -33.17 -8.94
CA PHE B 551 4.92 -32.15 -9.99
C PHE B 551 6.24 -31.44 -10.23
N LYS B 552 6.27 -30.53 -11.21
CA LYS B 552 7.48 -29.83 -11.61
C LYS B 552 7.35 -28.35 -11.35
N VAL B 553 8.44 -27.75 -10.89
CA VAL B 553 8.56 -26.31 -10.82
C VAL B 553 9.72 -25.91 -11.75
N LYS B 554 9.47 -24.90 -12.59
CA LYS B 554 10.50 -24.32 -13.46
C LYS B 554 10.96 -22.99 -12.84
N TYR B 555 12.25 -22.88 -12.58
CA TYR B 555 12.83 -21.68 -12.00
C TYR B 555 13.93 -21.18 -12.93
N TYR B 556 13.66 -20.04 -13.58
CA TYR B 556 14.53 -19.47 -14.60
C TYR B 556 15.68 -18.74 -13.93
N LEU B 557 16.88 -19.24 -14.15
CA LEU B 557 18.07 -18.78 -13.46
C LEU B 557 19.19 -18.65 -14.48
N GLU B 558 19.73 -17.45 -14.65
CA GLU B 558 20.77 -17.22 -15.66
C GLU B 558 22.10 -17.87 -15.30
N ASN B 559 22.52 -17.71 -14.04
CA ASN B 559 23.70 -18.40 -13.52
C ASN B 559 23.45 -19.92 -13.37
N ASP B 560 24.49 -20.73 -13.55
CA ASP B 560 24.39 -22.20 -13.37
C ASP B 560 25.09 -22.73 -12.10
N ASN B 561 25.66 -21.83 -11.30
CA ASN B 561 26.44 -22.19 -10.10
C ASN B 561 25.57 -22.70 -8.94
N ILE B 562 24.95 -23.86 -9.16
CA ILE B 562 23.99 -24.43 -8.21
C ILE B 562 24.65 -25.62 -7.55
N LYS B 563 24.64 -25.61 -6.22
CA LYS B 563 25.16 -26.71 -5.43
C LYS B 563 24.11 -27.79 -5.32
N ASN B 564 22.92 -27.41 -4.87
CA ASN B 564 21.84 -28.37 -4.66
C ASN B 564 20.51 -27.67 -4.43
N VAL B 565 19.42 -28.45 -4.46
CA VAL B 565 18.06 -27.93 -4.27
C VAL B 565 17.39 -28.73 -3.16
N TYR B 566 16.74 -28.00 -2.25
CA TYR B 566 16.12 -28.57 -1.06
C TYR B 566 14.71 -28.07 -0.92
N LEU B 567 13.95 -28.77 -0.08
CA LEU B 567 12.60 -28.34 0.27
C LEU B 567 12.38 -28.60 1.74
N ALA B 568 11.73 -27.65 2.41
CA ALA B 568 11.23 -27.87 3.75
C ALA B 568 9.81 -27.34 3.81
N SER B 569 8.96 -28.05 4.55
CA SER B 569 7.57 -27.66 4.76
C SER B 569 7.14 -28.02 6.18
N PRO B 570 6.40 -27.13 6.86
CA PRO B 570 5.83 -27.53 8.15
C PRO B 570 4.75 -28.63 8.03
N ASP B 571 4.28 -28.88 6.80
CA ASP B 571 3.29 -29.92 6.52
C ASP B 571 3.90 -31.31 6.31
N ILE B 572 5.21 -31.40 6.10
CA ILE B 572 5.87 -32.63 5.69
C ILE B 572 7.00 -32.97 6.65
N ASN B 573 6.85 -34.07 7.39
CA ASN B 573 7.89 -34.51 8.34
C ASN B 573 8.28 -33.38 9.30
N ASP B 574 7.28 -32.60 9.72
CA ASP B 574 7.47 -31.53 10.68
C ASP B 574 8.69 -30.63 10.35
N GLY B 575 8.80 -30.23 9.08
CA GLY B 575 9.83 -29.28 8.64
C GLY B 575 11.20 -29.83 8.28
N LYS B 576 11.36 -31.16 8.31
CA LYS B 576 12.65 -31.78 7.95
C LYS B 576 13.03 -31.51 6.49
N VAL B 577 14.29 -31.15 6.26
CA VAL B 577 14.77 -30.85 4.91
C VAL B 577 14.84 -32.12 4.06
N MET B 578 14.35 -32.01 2.82
CA MET B 578 14.49 -33.06 1.82
C MET B 578 15.26 -32.51 0.63
N LYS B 579 16.20 -33.30 0.13
CA LYS B 579 16.92 -32.95 -1.08
C LYS B 579 16.02 -33.27 -2.27
N LEU B 580 15.93 -32.34 -3.22
CA LEU B 580 15.09 -32.54 -4.41
C LEU B 580 15.92 -32.84 -5.64
N GLN B 581 15.35 -33.66 -6.52
CA GLN B 581 15.94 -33.92 -7.83
C GLN B 581 15.65 -32.74 -8.72
N PHE B 582 16.63 -32.36 -9.54
CA PHE B 582 16.44 -31.29 -10.50
C PHE B 582 17.30 -31.53 -11.75
N LYS B 583 16.92 -30.83 -12.81
CA LYS B 583 17.60 -30.88 -14.09
C LYS B 583 17.80 -29.47 -14.61
N LYS B 584 18.92 -29.23 -15.28
CA LYS B 584 19.17 -27.96 -15.93
C LYS B 584 18.66 -28.07 -17.36
N LYS B 585 17.78 -27.15 -17.74
CA LYS B 585 17.12 -27.18 -19.06
C LYS B 585 17.08 -25.77 -19.65
N GLU B 586 16.59 -25.66 -20.88
CA GLU B 586 16.44 -24.37 -21.54
C GLU B 586 15.30 -24.43 -22.55
N ASP B 587 14.54 -23.35 -22.64
CA ASP B 587 13.53 -23.20 -23.69
C ASP B 587 13.54 -21.75 -24.17
N SER B 588 12.54 -21.34 -24.95
CA SER B 588 12.54 -19.98 -25.51
C SER B 588 12.55 -18.86 -24.46
N LYS B 589 12.09 -19.14 -23.22
CA LYS B 589 12.12 -18.14 -22.13
C LYS B 589 13.46 -18.06 -21.35
N GLY B 590 14.38 -18.98 -21.63
CA GLY B 590 15.73 -18.94 -21.05
C GLY B 590 16.13 -20.25 -20.41
N LYS B 591 17.29 -20.25 -19.77
CA LYS B 591 17.75 -21.38 -18.98
C LYS B 591 16.93 -21.46 -17.69
N TYR B 592 16.64 -22.68 -17.24
CA TYR B 592 15.89 -22.89 -16.00
C TYR B 592 16.28 -24.20 -15.32
N LEU B 593 15.97 -24.27 -14.03
CA LEU B 593 16.01 -25.51 -13.29
C LEU B 593 14.62 -26.12 -13.31
N GLU B 594 14.52 -27.39 -13.65
CA GLU B 594 13.29 -28.15 -13.54
C GLU B 594 13.38 -28.95 -12.25
N ILE B 595 12.55 -28.60 -11.28
CA ILE B 595 12.64 -29.11 -9.93
C ILE B 595 11.47 -30.05 -9.67
N SER B 596 11.77 -31.27 -9.23
CA SER B 596 10.75 -32.29 -8.95
C SER B 596 10.29 -32.16 -7.49
N VAL B 597 9.00 -31.86 -7.29
CA VAL B 597 8.44 -31.61 -5.96
C VAL B 597 7.52 -32.78 -5.58
N PRO B 598 7.88 -33.54 -4.51
CA PRO B 598 7.07 -34.69 -4.10
C PRO B 598 5.65 -34.37 -3.68
N GLU B 599 5.46 -33.24 -2.98
CA GLU B 599 4.15 -32.93 -2.43
C GLU B 599 4.00 -31.46 -2.05
N LEU B 600 2.82 -30.92 -2.32
CA LEU B 600 2.40 -29.63 -1.78
C LEU B 600 1.03 -29.83 -1.13
N GLN B 601 0.92 -29.51 0.15
CA GLN B 601 -0.36 -29.48 0.84
C GLN B 601 -0.77 -28.00 1.09
N TYR B 602 -0.17 -27.31 2.06
CA TYR B 602 -0.46 -25.91 2.34
C TYR B 602 0.66 -24.99 1.85
N TRP B 603 1.90 -25.29 2.25
CA TRP B 603 3.04 -24.40 2.05
C TRP B 603 4.33 -25.18 1.93
N ASP B 604 5.03 -25.02 0.80
CA ASP B 604 6.37 -25.56 0.61
C ASP B 604 7.34 -24.41 0.44
N MET B 605 8.52 -24.56 1.01
CA MET B 605 9.65 -23.66 0.79
C MET B 605 10.76 -24.43 0.12
N ILE B 606 11.00 -24.13 -1.15
CA ILE B 606 12.14 -24.65 -1.90
C ILE B 606 13.29 -23.70 -1.64
N PHE B 607 14.46 -24.24 -1.31
CA PHE B 607 15.64 -23.39 -1.25
C PHE B 607 16.79 -23.99 -2.04
N ILE B 608 17.43 -23.12 -2.81
CA ILE B 608 18.45 -23.48 -3.80
C ILE B 608 19.77 -22.93 -3.27
N LYS B 609 20.70 -23.82 -2.97
CA LYS B 609 21.99 -23.43 -2.42
C LYS B 609 22.90 -23.06 -3.57
N LYS B 610 23.51 -21.88 -3.50
CA LYS B 610 24.41 -21.37 -4.53
C LYS B 610 25.85 -21.71 -4.20
N LEU B 611 26.70 -21.85 -5.21
CA LEU B 611 28.12 -22.17 -5.01
C LEU B 611 28.93 -20.92 -4.66
#